data_6KOT
#
_entry.id   6KOT
#
_cell.length_a   57.176
_cell.length_b   156.175
_cell.length_c   165.080
_cell.angle_alpha   90.000
_cell.angle_beta   90.000
_cell.angle_gamma   90.000
#
_symmetry.space_group_name_H-M   'P 21 21 21'
#
loop_
_entity.id
_entity.type
_entity.pdbx_description
1 polymer 'Bifunctional dihydrofolate reductase-thymidylate synthase'
2 non-polymer '4-[3-[[2,6-bis(azanyl)-5-(3-chlorophenyl)pyrimidin-4-yl]methoxy]phenoxy]butanoic acid'
3 non-polymer 'NADPH DIHYDRO-NICOTINAMIDE-ADENINE-DINUCLEOTIDE PHOSPHATE'
4 non-polymer "2'-DEOXYURIDINE 5'-MONOPHOSPHATE"
5 water water
#
_entity_poly.entity_id   1
_entity_poly.type   'polypeptide(L)'
_entity_poly.pdbx_seq_one_letter_code
;MMEQVCDVFDIYAICACCKVESKNEGKKNEVFNNYTFRGLGNKGVLPWKCISLDMKYFRAVTTYVNESKYEKLKYKRCKY
LNKETVDNVNDMPNSKKLQNVVVMGRTNWESIPKKFKPLSNRINVILSRTLKKEDFDEDVYIINKVEDLIVLLGKLNYYK
CFILGGSVVYQEFLEKKLIKKIYFTRINSTYECDVFFPEINENEYQIISVSDVYTSNNTTLDFIIYKKTNNKMLNEQNCI
KGEEKNNDMPLKNDDKDTCHMKKLTEFYKNVDKYKINYENDDDDEEEDDFVYFNFNKEKEEKNKNSIHPNDFQIYNSLKY
KYHPEYQYLNIIYDIMMNGNKQSDRTGVGVLSKFGYIMKFDLSQYFPLLTTKKLFLRGIIEELLWFIRGETNGNTLLNKN
VRIWEANGTREFLDNRKLFHREVNDLGPIYGFQWRHFGAEYTNMYDNYENKGVDQLKNIINLIKNDPTSRRILLCAWNVK
DLDQMALPPCHILCQFYVFDGKLSCIMYQRSCDLGLGVPFNIASYSIFTHMIAQVCNLQPAQFIHVLGNAHVYNNHIDSL
KIQLNRIPYPFPTLKLNPDIKNIEDFTISDFTIQNYVHHEKISMDMAA
;
_entity_poly.pdbx_strand_id   A,B
#
# COMPACT_ATOMS: atom_id res chain seq x y z
N GLU A 3 -8.06 40.23 11.78
CA GLU A 3 -8.24 38.90 12.47
C GLU A 3 -9.72 38.65 12.77
N GLN A 4 -10.20 37.44 12.52
CA GLN A 4 -11.61 37.06 12.77
C GLN A 4 -11.76 36.44 14.16
N VAL A 5 -12.84 36.82 14.86
CA VAL A 5 -13.21 36.34 16.22
C VAL A 5 -13.11 34.80 16.27
N CYS A 6 -13.67 34.08 15.29
CA CYS A 6 -13.64 32.59 15.32
C CYS A 6 -12.20 32.05 15.23
N ASP A 7 -11.24 32.78 14.65
CA ASP A 7 -9.83 32.31 14.54
C ASP A 7 -9.06 32.65 15.82
N VAL A 8 -9.37 33.79 16.45
CA VAL A 8 -8.68 34.16 17.71
C VAL A 8 -9.14 33.20 18.81
N PHE A 9 -10.44 33.00 18.92
CA PHE A 9 -11.01 32.24 20.07
C PHE A 9 -11.19 30.77 19.72
N ASP A 10 -10.98 30.40 18.45
CA ASP A 10 -10.99 28.99 17.98
C ASP A 10 -12.36 28.40 18.31
N ILE A 11 -13.41 29.00 17.77
CA ILE A 11 -14.80 28.54 17.98
C ILE A 11 -15.14 27.58 16.83
N TYR A 12 -15.53 26.35 17.17
CA TYR A 12 -15.94 25.28 16.24
C TYR A 12 -17.36 24.82 16.58
N ALA A 13 -18.00 24.14 15.64
CA ALA A 13 -19.31 23.49 15.83
C ALA A 13 -19.09 21.98 15.66
N ILE A 14 -19.81 21.19 16.44
CA ILE A 14 -19.82 19.72 16.29
C ILE A 14 -21.26 19.28 16.39
N CYS A 15 -21.66 18.46 15.44
CA CYS A 15 -23.06 18.02 15.30
C CYS A 15 -23.08 16.60 14.73
N ALA A 16 -24.23 15.95 14.82
CA ALA A 16 -24.54 14.69 14.14
C ALA A 16 -25.90 14.87 13.45
N CYS A 17 -25.96 14.65 12.14
CA CYS A 17 -27.20 14.82 11.35
C CYS A 17 -27.60 13.52 10.64
N CYS A 18 -28.84 13.08 10.85
CA CYS A 18 -29.43 11.90 10.20
C CYS A 18 -30.19 12.40 8.99
N LYS A 19 -30.82 11.49 8.26
CA LYS A 19 -31.71 11.82 7.12
C LYS A 19 -33.15 11.89 7.66
N VAL A 20 -34.03 12.58 6.94
CA VAL A 20 -35.38 12.99 7.45
C VAL A 20 -36.48 12.45 6.53
N GLU A 21 -37.73 12.48 7.00
CA GLU A 21 -38.91 11.82 6.37
C GLU A 21 -39.25 12.48 5.02
N SER A 22 -40.30 12.00 4.33
CA SER A 22 -40.64 12.37 2.94
C SER A 22 -42.15 12.64 2.84
N LYS A 27 -37.90 7.70 -3.04
CA LYS A 27 -36.82 6.67 -3.01
C LYS A 27 -36.51 6.22 -4.46
N LYS A 28 -37.53 6.17 -5.32
CA LYS A 28 -37.39 5.91 -6.79
C LYS A 28 -37.12 7.24 -7.50
N ASN A 29 -35.87 7.43 -7.99
CA ASN A 29 -35.35 8.64 -8.68
C ASN A 29 -35.06 9.77 -7.67
N GLU A 30 -34.72 9.42 -6.43
CA GLU A 30 -34.44 10.41 -5.34
C GLU A 30 -33.06 11.07 -5.53
N VAL A 31 -32.99 12.39 -5.29
CA VAL A 31 -31.78 13.24 -5.44
C VAL A 31 -31.17 13.41 -4.04
N PHE A 32 -29.84 13.28 -3.96
CA PHE A 32 -29.07 13.46 -2.72
C PHE A 32 -28.09 14.62 -2.91
N ASN A 33 -27.86 15.37 -1.83
CA ASN A 33 -26.92 16.52 -1.70
C ASN A 33 -26.49 16.57 -0.22
N ASN A 34 -25.66 17.53 0.21
CA ASN A 34 -25.13 17.58 1.60
C ASN A 34 -26.29 17.80 2.57
N TYR A 35 -27.34 18.50 2.11
CA TYR A 35 -28.58 18.81 2.88
C TYR A 35 -29.44 17.56 3.13
N THR A 36 -29.12 16.40 2.54
CA THR A 36 -29.73 15.08 2.90
C THR A 36 -29.55 14.81 4.41
N PHE A 37 -28.36 15.11 4.95
CA PHE A 37 -28.02 14.91 6.38
C PHE A 37 -28.30 16.25 7.08
N ARG A 38 -29.44 16.35 7.75
CA ARG A 38 -29.85 17.62 8.39
C ARG A 38 -30.68 17.41 9.65
N GLY A 39 -31.16 16.20 9.93
CA GLY A 39 -31.95 15.89 11.14
C GLY A 39 -31.09 16.00 12.39
N LEU A 40 -31.41 16.94 13.29
CA LEU A 40 -30.68 17.14 14.58
C LEU A 40 -31.42 16.51 15.77
N GLY A 41 -32.73 16.66 15.85
CA GLY A 41 -33.50 16.28 17.06
C GLY A 41 -34.98 16.07 16.80
N ASN A 42 -35.65 15.45 17.76
CA ASN A 42 -37.08 15.10 17.67
C ASN A 42 -37.67 15.16 19.08
N LYS A 43 -38.68 16.01 19.32
CA LYS A 43 -39.42 16.15 20.60
C LYS A 43 -38.45 16.49 21.75
N GLY A 44 -37.49 17.39 21.51
CA GLY A 44 -36.53 17.89 22.51
C GLY A 44 -35.43 16.89 22.86
N VAL A 45 -35.39 15.69 22.27
CA VAL A 45 -34.26 14.71 22.40
C VAL A 45 -33.66 14.39 21.00
N LEU A 46 -32.72 13.43 20.91
CA LEU A 46 -32.06 13.07 19.62
C LEU A 46 -33.02 12.21 18.80
N PRO A 47 -32.96 12.25 17.46
CA PRO A 47 -33.85 11.44 16.62
C PRO A 47 -33.65 9.93 16.78
N TRP A 48 -32.45 9.50 17.18
CA TRP A 48 -32.07 8.06 17.25
C TRP A 48 -31.83 7.70 18.72
N LYS A 49 -31.96 6.43 19.07
CA LYS A 49 -31.62 5.91 20.42
C LYS A 49 -30.13 6.17 20.63
N CYS A 50 -29.31 5.12 20.71
CA CYS A 50 -27.87 5.19 21.02
C CYS A 50 -27.08 4.97 19.73
N ILE A 51 -26.25 5.92 19.35
CA ILE A 51 -25.16 5.65 18.36
C ILE A 51 -23.84 5.87 19.08
N SER A 52 -23.32 4.79 19.65
CA SER A 52 -22.22 4.82 20.63
C SER A 52 -20.93 5.30 19.96
N LEU A 53 -20.68 4.96 18.70
CA LEU A 53 -19.44 5.45 18.05
C LEU A 53 -19.48 6.98 17.90
N ASP A 54 -20.61 7.59 17.55
CA ASP A 54 -20.72 9.07 17.53
C ASP A 54 -20.44 9.67 18.93
N MET A 55 -20.93 9.06 20.01
CA MET A 55 -20.66 9.52 21.40
C MET A 55 -19.16 9.43 21.64
N LYS A 56 -18.55 8.34 21.20
CA LYS A 56 -17.10 8.15 21.44
C LYS A 56 -16.33 9.26 20.70
N TYR A 57 -16.75 9.60 19.49
CA TYR A 57 -16.05 10.61 18.65
C TYR A 57 -16.24 12.00 19.25
N PHE A 58 -17.48 12.32 19.64
CA PHE A 58 -17.87 13.62 20.23
C PHE A 58 -17.05 13.88 21.51
N ARG A 59 -16.95 12.89 22.39
CA ARG A 59 -16.14 12.91 23.63
C ARG A 59 -14.68 13.24 23.25
N ALA A 60 -14.11 12.49 22.33
CA ALA A 60 -12.68 12.63 21.99
C ALA A 60 -12.43 14.03 21.41
N VAL A 61 -13.28 14.56 20.52
CA VAL A 61 -13.05 15.90 19.91
C VAL A 61 -13.18 16.98 21.01
N THR A 62 -14.23 16.94 21.84
CA THR A 62 -14.59 18.04 22.75
C THR A 62 -13.74 18.00 24.02
N THR A 63 -13.05 16.88 24.34
CA THR A 63 -12.12 16.79 25.52
C THR A 63 -10.64 16.93 25.11
N TYR A 64 -10.25 16.67 23.85
CA TYR A 64 -8.81 16.71 23.46
C TYR A 64 -8.20 18.13 23.50
N VAL A 65 -7.03 18.21 24.13
CA VAL A 65 -6.20 19.45 24.24
C VAL A 65 -4.73 19.07 24.08
N ASN A 66 -3.99 19.93 23.40
CA ASN A 66 -2.51 19.91 23.34
C ASN A 66 -2.00 21.11 24.14
N GLU A 67 -1.61 20.88 25.40
CA GLU A 67 -1.01 21.91 26.30
C GLU A 67 0.12 22.62 25.57
N SER A 68 1.03 21.87 24.92
CA SER A 68 2.24 22.38 24.24
C SER A 68 1.89 23.29 23.05
N LYS A 69 0.61 23.57 22.78
CA LYS A 69 0.20 24.55 21.73
C LYS A 69 -0.59 25.70 22.37
N TYR A 70 -0.77 25.74 23.69
CA TYR A 70 -1.62 26.74 24.35
C TYR A 70 -0.91 28.11 24.32
N GLU A 71 0.34 28.20 24.78
CA GLU A 71 1.08 29.50 24.90
C GLU A 71 0.94 30.28 23.58
N LYS A 72 1.08 29.57 22.44
CA LYS A 72 0.89 30.12 21.08
C LYS A 72 -0.52 30.74 20.95
N LEU A 73 -1.55 30.11 21.52
CA LEU A 73 -2.98 30.54 21.42
C LEU A 73 -3.25 31.68 22.42
N LYS A 74 -2.68 31.56 23.63
CA LYS A 74 -2.62 32.61 24.67
C LYS A 74 -2.04 33.90 24.08
N TYR A 75 -0.78 33.83 23.63
CA TYR A 75 -0.10 34.90 22.83
C TYR A 75 -1.13 35.57 21.91
N LYS A 76 -1.73 34.80 20.99
CA LYS A 76 -2.61 35.31 19.91
C LYS A 76 -3.80 36.07 20.51
N ARG A 77 -4.43 35.52 21.56
CA ARG A 77 -5.66 36.06 22.19
C ARG A 77 -5.32 37.37 22.93
N CYS A 78 -4.28 37.35 23.74
CA CYS A 78 -3.74 38.55 24.42
C CYS A 78 -3.48 39.64 23.36
N LYS A 79 -2.69 39.33 22.33
CA LYS A 79 -2.35 40.28 21.24
C LYS A 79 -3.63 40.97 20.77
N TYR A 80 -4.63 40.19 20.35
CA TYR A 80 -5.90 40.68 19.78
C TYR A 80 -6.65 41.57 20.78
N LEU A 81 -6.56 41.29 22.09
CA LEU A 81 -7.30 42.01 23.17
C LEU A 81 -6.45 43.14 23.77
N ASN A 82 -5.16 43.19 23.43
CA ASN A 82 -4.14 44.17 23.89
C ASN A 82 -3.77 43.84 25.34
N LYS A 83 -3.21 42.65 25.55
CA LYS A 83 -2.60 42.21 26.84
C LYS A 83 -1.17 41.75 26.54
N GLU A 84 -0.57 40.98 27.46
CA GLU A 84 0.90 40.65 27.47
C GLU A 84 1.12 39.24 26.93
N LYS A 97 -5.38 21.17 34.76
CA LYS A 97 -5.33 20.65 33.37
C LYS A 97 -6.06 21.63 32.44
N LEU A 98 -5.45 21.95 31.29
CA LEU A 98 -6.07 22.77 30.22
C LEU A 98 -7.35 22.07 29.72
N GLN A 99 -8.42 22.81 29.47
CA GLN A 99 -9.74 22.23 29.11
C GLN A 99 -10.31 23.01 27.92
N ASN A 100 -11.16 22.34 27.13
CA ASN A 100 -11.97 22.97 26.09
C ASN A 100 -13.19 23.60 26.78
N VAL A 101 -13.77 24.58 26.13
CA VAL A 101 -15.08 25.18 26.47
C VAL A 101 -16.08 24.52 25.55
N VAL A 102 -17.27 24.20 26.10
CA VAL A 102 -18.42 23.74 25.29
C VAL A 102 -19.60 24.66 25.58
N VAL A 103 -20.33 25.02 24.53
CA VAL A 103 -21.49 25.93 24.62
C VAL A 103 -22.74 25.21 24.13
N MET A 104 -23.78 25.22 24.95
CA MET A 104 -25.07 24.57 24.67
C MET A 104 -26.19 25.61 24.77
N GLY A 105 -27.15 25.53 23.86
CA GLY A 105 -28.50 26.11 24.04
C GLY A 105 -29.17 25.51 25.25
N ARG A 106 -30.07 26.25 25.88
CA ARG A 106 -30.82 25.79 27.09
C ARG A 106 -31.61 24.53 26.77
N THR A 107 -32.27 24.45 25.61
CA THR A 107 -33.08 23.25 25.24
C THR A 107 -32.13 22.06 25.17
N ASN A 108 -30.99 22.22 24.51
CA ASN A 108 -29.93 21.18 24.44
C ASN A 108 -29.58 20.74 25.87
N TRP A 109 -29.26 21.67 26.78
CA TRP A 109 -28.84 21.35 28.16
C TRP A 109 -29.88 20.48 28.86
N GLU A 110 -31.17 20.81 28.72
CA GLU A 110 -32.28 20.14 29.46
C GLU A 110 -32.47 18.73 28.91
N SER A 111 -32.10 18.47 27.65
CA SER A 111 -32.15 17.15 27.00
C SER A 111 -31.08 16.20 27.55
N ILE A 112 -29.97 16.72 28.09
CA ILE A 112 -28.83 15.85 28.48
C ILE A 112 -29.22 15.14 29.77
N PRO A 113 -28.97 13.80 29.90
CA PRO A 113 -29.24 13.10 31.16
C PRO A 113 -28.38 13.67 32.29
N LYS A 114 -28.98 13.73 33.48
CA LYS A 114 -28.40 14.24 34.73
C LYS A 114 -26.98 13.68 34.92
N LYS A 115 -26.79 12.38 34.75
CA LYS A 115 -25.52 11.69 35.08
C LYS A 115 -24.35 12.26 34.25
N PHE A 116 -24.62 12.80 33.06
CA PHE A 116 -23.63 13.33 32.11
C PHE A 116 -23.36 14.84 32.29
N LYS A 117 -24.04 15.52 33.22
CA LYS A 117 -24.00 17.01 33.40
C LYS A 117 -23.27 17.36 34.70
N PRO A 118 -22.37 18.38 34.72
CA PRO A 118 -21.93 19.06 33.49
C PRO A 118 -21.02 18.12 32.69
N LEU A 119 -20.77 18.41 31.41
CA LEU A 119 -19.92 17.51 30.58
C LEU A 119 -18.51 17.48 31.22
N SER A 120 -18.04 16.29 31.56
CA SER A 120 -16.80 16.06 32.32
C SER A 120 -15.60 16.59 31.56
N ASN A 121 -14.66 17.21 32.26
CA ASN A 121 -13.35 17.63 31.70
C ASN A 121 -13.53 18.74 30.66
N ARG A 122 -14.69 19.38 30.64
CA ARG A 122 -14.98 20.56 29.80
C ARG A 122 -15.52 21.70 30.69
N ILE A 123 -15.22 22.92 30.28
CA ILE A 123 -15.85 24.14 30.83
C ILE A 123 -17.20 24.30 30.12
N ASN A 124 -18.27 24.15 30.88
CA ASN A 124 -19.66 24.14 30.35
C ASN A 124 -20.22 25.56 30.37
N VAL A 125 -20.77 25.97 29.23
CA VAL A 125 -21.44 27.29 29.02
C VAL A 125 -22.84 27.05 28.47
N ILE A 126 -23.85 27.65 29.06
CA ILE A 126 -25.26 27.55 28.60
C ILE A 126 -25.77 28.93 28.17
N LEU A 127 -26.35 29.02 26.97
CA LEU A 127 -27.11 30.19 26.44
C LEU A 127 -28.54 30.11 26.96
N SER A 128 -29.04 31.14 27.66
CA SER A 128 -30.44 31.23 28.15
C SER A 128 -30.81 32.70 28.36
N ARG A 129 -32.08 33.03 28.13
CA ARG A 129 -32.73 34.28 28.59
C ARG A 129 -33.64 33.92 29.78
N THR A 130 -34.41 32.83 29.69
CA THR A 130 -35.47 32.52 30.71
C THR A 130 -34.85 32.11 32.05
N LEU A 131 -33.69 31.45 32.05
CA LEU A 131 -33.02 30.91 33.28
C LEU A 131 -31.74 31.71 33.56
N LYS A 132 -31.39 31.91 34.84
CA LYS A 132 -30.14 32.57 35.30
C LYS A 132 -29.39 31.57 36.19
N LYS A 133 -28.20 31.93 36.69
CA LYS A 133 -27.29 30.99 37.40
C LYS A 133 -27.98 30.42 38.65
N GLU A 134 -28.95 31.13 39.26
CA GLU A 134 -29.70 30.65 40.47
C GLU A 134 -30.62 29.48 40.07
N ASP A 135 -30.89 29.28 38.79
CA ASP A 135 -31.72 28.14 38.33
C ASP A 135 -30.87 26.88 38.15
N PHE A 136 -29.55 26.90 38.42
CA PHE A 136 -28.67 25.71 38.20
C PHE A 136 -27.89 25.37 39.46
N ASP A 137 -27.78 24.07 39.76
CA ASP A 137 -26.93 23.51 40.84
C ASP A 137 -25.46 23.37 40.38
N GLU A 138 -25.24 23.18 39.07
CA GLU A 138 -24.00 22.59 38.52
C GLU A 138 -22.98 23.69 38.27
N ASP A 139 -21.72 23.29 38.13
CA ASP A 139 -20.56 24.10 37.67
C ASP A 139 -20.73 24.46 36.19
N VAL A 140 -21.44 25.55 35.92
CA VAL A 140 -21.71 26.03 34.55
C VAL A 140 -21.70 27.57 34.57
N TYR A 141 -21.31 28.18 33.45
CA TYR A 141 -21.46 29.62 33.14
C TYR A 141 -22.78 29.76 32.38
N ILE A 142 -23.63 30.67 32.83
CA ILE A 142 -24.84 31.12 32.07
C ILE A 142 -24.51 32.45 31.35
N ILE A 143 -24.80 32.51 30.05
CA ILE A 143 -24.66 33.76 29.24
C ILE A 143 -26.00 33.96 28.55
N ASN A 144 -26.43 35.21 28.41
CA ASN A 144 -27.75 35.57 27.84
C ASN A 144 -27.57 36.21 26.47
N LYS A 145 -26.35 36.24 25.92
CA LYS A 145 -26.18 36.67 24.50
C LYS A 145 -24.83 36.22 23.98
N VAL A 146 -24.74 36.16 22.66
CA VAL A 146 -23.53 35.65 21.95
C VAL A 146 -22.34 36.50 22.39
N GLU A 147 -22.49 37.83 22.40
CA GLU A 147 -21.35 38.76 22.63
C GLU A 147 -20.74 38.47 24.02
N ASP A 148 -21.52 38.08 25.04
CA ASP A 148 -21.02 37.75 26.41
C ASP A 148 -20.16 36.48 26.39
N LEU A 149 -20.37 35.58 25.40
CA LEU A 149 -19.49 34.40 25.17
C LEU A 149 -18.09 34.90 24.86
N ILE A 150 -17.98 35.80 23.87
CA ILE A 150 -16.68 36.40 23.40
C ILE A 150 -15.95 37.04 24.59
N VAL A 151 -16.65 37.85 25.36
CA VAL A 151 -16.14 38.46 26.62
C VAL A 151 -15.65 37.32 27.51
N LEU A 152 -16.50 36.29 27.74
CA LEU A 152 -16.10 35.17 28.64
C LEU A 152 -14.81 34.52 28.13
N LEU A 153 -14.75 34.21 26.82
CA LEU A 153 -13.59 33.48 26.26
C LEU A 153 -12.33 34.32 26.51
N GLY A 154 -12.41 35.64 26.28
CA GLY A 154 -11.36 36.62 26.57
C GLY A 154 -10.81 36.52 27.99
N LYS A 155 -11.60 36.05 28.96
CA LYS A 155 -11.23 36.02 30.40
C LYS A 155 -10.95 34.59 30.87
N LEU A 156 -11.04 33.57 30.00
CA LEU A 156 -10.78 32.17 30.44
C LEU A 156 -9.45 31.68 29.86
N ASN A 157 -8.77 30.79 30.58
CA ASN A 157 -7.75 29.88 30.03
C ASN A 157 -8.47 28.65 29.49
N TYR A 158 -8.50 28.46 28.18
CA TYR A 158 -9.05 27.23 27.51
C TYR A 158 -8.31 26.94 26.19
N TYR A 159 -8.40 25.70 25.72
CA TYR A 159 -7.76 25.24 24.46
C TYR A 159 -8.64 25.66 23.30
N LYS A 160 -9.79 25.00 23.10
CA LYS A 160 -10.71 25.36 22.00
C LYS A 160 -12.15 25.44 22.53
N CYS A 161 -13.02 26.08 21.75
CA CYS A 161 -14.44 26.30 22.07
C CYS A 161 -15.32 25.57 21.05
N PHE A 162 -16.15 24.62 21.53
CA PHE A 162 -17.07 23.81 20.70
C PHE A 162 -18.51 24.20 20.99
N ILE A 163 -19.22 24.63 19.95
CA ILE A 163 -20.68 24.93 19.94
C ILE A 163 -21.34 23.56 19.74
N LEU A 164 -22.05 23.04 20.76
CA LEU A 164 -22.60 21.65 20.81
C LEU A 164 -24.02 21.69 20.29
N GLY A 165 -24.46 22.88 19.92
CA GLY A 165 -25.77 23.10 19.30
C GLY A 165 -26.85 23.36 20.31
N GLY A 166 -27.98 22.77 19.98
CA GLY A 166 -29.25 23.45 19.71
C GLY A 166 -29.28 23.88 18.25
N SER A 167 -30.41 23.67 17.55
CA SER A 167 -30.67 24.18 16.19
C SER A 167 -30.62 25.72 16.19
N VAL A 168 -31.26 26.37 17.17
CA VAL A 168 -31.25 27.87 17.29
C VAL A 168 -29.81 28.35 17.50
N VAL A 169 -29.03 27.67 18.36
CA VAL A 169 -27.59 28.01 18.62
C VAL A 169 -26.76 27.84 17.35
N TYR A 170 -26.87 26.72 16.63
CA TYR A 170 -26.06 26.52 15.41
C TYR A 170 -26.37 27.65 14.42
N GLN A 171 -27.67 27.85 14.17
CA GLN A 171 -28.19 28.80 13.15
C GLN A 171 -27.63 30.22 13.40
N GLU A 172 -27.55 30.67 14.65
CA GLU A 172 -27.13 32.06 14.97
C GLU A 172 -25.60 32.15 14.97
N PHE A 173 -24.89 31.04 15.23
CA PHE A 173 -23.41 31.04 15.20
C PHE A 173 -22.88 30.95 13.77
N LEU A 174 -23.59 30.24 12.88
CA LEU A 174 -23.17 30.15 11.45
C LEU A 174 -23.38 31.50 10.76
N GLU A 175 -24.60 32.04 10.83
CA GLU A 175 -25.02 33.30 10.14
C GLU A 175 -24.06 34.44 10.50
N LYS A 176 -23.50 34.44 11.72
CA LYS A 176 -22.63 35.51 12.27
C LYS A 176 -21.16 35.22 11.98
N LYS A 177 -20.87 34.17 11.22
CA LYS A 177 -19.49 33.83 10.74
C LYS A 177 -18.56 33.49 11.92
N LEU A 178 -19.10 33.03 13.06
CA LEU A 178 -18.35 32.74 14.32
C LEU A 178 -17.86 31.27 14.37
N ILE A 179 -18.06 30.47 13.32
CA ILE A 179 -17.56 29.05 13.26
C ILE A 179 -16.38 28.95 12.30
N LYS A 180 -15.24 28.46 12.79
CA LYS A 180 -14.02 28.19 11.99
C LYS A 180 -14.18 26.84 11.24
N LYS A 181 -14.69 25.78 11.91
CA LYS A 181 -14.92 24.47 11.26
C LYS A 181 -16.17 23.82 11.85
N ILE A 182 -16.86 23.00 11.04
CA ILE A 182 -17.96 22.12 11.48
C ILE A 182 -17.47 20.67 11.42
N TYR A 183 -17.36 20.03 12.58
CA TYR A 183 -17.18 18.57 12.70
C TYR A 183 -18.56 17.92 12.63
N PHE A 184 -18.85 17.33 11.48
CA PHE A 184 -20.23 16.96 11.07
C PHE A 184 -20.27 15.44 10.95
N THR A 185 -21.04 14.78 11.83
CA THR A 185 -21.28 13.33 11.75
C THR A 185 -22.45 13.10 10.80
N ARG A 186 -22.25 12.31 9.74
CA ARG A 186 -23.35 11.92 8.81
C ARG A 186 -23.85 10.55 9.25
N ILE A 187 -25.03 10.54 9.83
CA ILE A 187 -25.73 9.33 10.33
C ILE A 187 -26.55 8.81 9.15
N ASN A 188 -26.17 7.66 8.58
CA ASN A 188 -26.73 7.25 7.26
C ASN A 188 -27.99 6.39 7.48
N SER A 189 -29.01 6.99 8.08
CA SER A 189 -30.31 6.34 8.39
C SER A 189 -31.34 7.44 8.62
N THR A 190 -32.62 7.08 8.53
CA THR A 190 -33.74 8.04 8.48
C THR A 190 -34.49 7.94 9.79
N TYR A 191 -34.75 9.07 10.43
CA TYR A 191 -35.63 9.11 11.62
C TYR A 191 -36.54 10.32 11.48
N GLU A 192 -37.63 10.28 12.26
CA GLU A 192 -38.56 11.41 12.48
C GLU A 192 -37.79 12.54 13.17
N CYS A 193 -37.80 13.71 12.56
CA CYS A 193 -37.11 14.92 13.05
C CYS A 193 -38.13 16.07 13.14
N ASP A 194 -37.94 17.00 14.08
CA ASP A 194 -38.69 18.28 14.16
C ASP A 194 -37.74 19.49 14.22
N VAL A 195 -36.42 19.33 14.37
CA VAL A 195 -35.44 20.44 14.22
C VAL A 195 -34.28 19.96 13.36
N PHE A 196 -33.67 20.88 12.64
CA PHE A 196 -32.77 20.60 11.51
C PHE A 196 -31.57 21.51 11.62
N PHE A 197 -30.42 21.00 11.20
CA PHE A 197 -29.16 21.76 11.07
C PHE A 197 -29.37 22.75 9.94
N PRO A 198 -28.85 23.99 10.05
CA PRO A 198 -28.99 24.95 8.96
C PRO A 198 -28.40 24.42 7.64
N GLU A 199 -28.96 24.84 6.51
CA GLU A 199 -28.35 24.59 5.19
C GLU A 199 -27.00 25.30 5.23
N ILE A 200 -25.90 24.57 5.08
CA ILE A 200 -24.52 25.13 5.03
C ILE A 200 -24.37 25.79 3.66
N ASN A 201 -23.86 27.02 3.59
CA ASN A 201 -23.61 27.72 2.30
C ASN A 201 -22.24 27.31 1.76
N GLU A 202 -22.24 26.63 0.60
CA GLU A 202 -21.05 26.00 -0.04
C GLU A 202 -19.95 27.02 -0.32
N ASN A 203 -20.25 28.32 -0.27
CA ASN A 203 -19.25 29.39 -0.51
C ASN A 203 -18.72 29.92 0.83
N GLU A 204 -19.46 29.75 1.93
CA GLU A 204 -18.97 30.05 3.30
C GLU A 204 -18.04 28.92 3.79
N TYR A 205 -18.43 27.67 3.54
CA TYR A 205 -17.87 26.43 4.17
C TYR A 205 -17.60 25.38 3.11
N GLN A 206 -16.48 24.66 3.20
CA GLN A 206 -16.18 23.56 2.26
C GLN A 206 -15.62 22.36 3.02
N ILE A 207 -16.00 21.17 2.58
CA ILE A 207 -15.49 19.89 3.13
C ILE A 207 -13.99 19.84 2.82
N ILE A 208 -13.13 19.71 3.84
CA ILE A 208 -11.67 19.55 3.67
C ILE A 208 -11.28 18.10 3.96
N SER A 209 -12.12 17.35 4.69
CA SER A 209 -11.76 16.00 5.22
C SER A 209 -12.98 15.13 5.42
N VAL A 210 -12.76 13.82 5.23
CA VAL A 210 -13.79 12.75 5.30
C VAL A 210 -13.09 11.52 5.90
N SER A 211 -13.73 10.92 6.91
CA SER A 211 -13.20 9.78 7.70
C SER A 211 -13.49 8.46 6.98
N ASP A 212 -12.99 7.39 7.61
CA ASP A 212 -13.39 5.99 7.32
C ASP A 212 -14.90 5.89 7.52
N VAL A 213 -15.51 4.83 6.98
CA VAL A 213 -16.94 4.56 7.18
C VAL A 213 -17.05 3.49 8.26
N TYR A 214 -17.98 3.65 9.17
CA TYR A 214 -18.14 2.73 10.30
C TYR A 214 -19.58 2.26 10.36
N THR A 215 -19.79 1.14 11.04
CA THR A 215 -21.13 0.68 11.48
C THR A 215 -21.20 0.86 13.00
N SER A 216 -22.27 1.48 13.50
CA SER A 216 -22.56 1.49 14.95
C SER A 216 -24.06 1.35 15.14
N ASN A 217 -24.50 0.45 16.02
CA ASN A 217 -25.92 0.40 16.44
C ASN A 217 -26.79 0.31 15.19
N ASN A 218 -26.35 -0.55 14.28
CA ASN A 218 -27.07 -0.98 13.06
C ASN A 218 -27.25 0.20 12.11
N THR A 219 -26.37 1.21 12.11
CA THR A 219 -26.32 2.23 11.04
C THR A 219 -24.88 2.39 10.56
N THR A 220 -24.67 2.86 9.34
CA THR A 220 -23.35 3.35 8.91
C THR A 220 -23.32 4.83 9.19
N LEU A 221 -22.11 5.34 9.39
CA LEU A 221 -21.87 6.76 9.66
C LEU A 221 -20.44 7.04 9.22
N ASP A 222 -20.18 8.30 8.91
CA ASP A 222 -18.81 8.80 8.77
C ASP A 222 -18.75 10.19 9.41
N PHE A 223 -17.58 10.77 9.39
CA PHE A 223 -17.24 12.05 10.02
C PHE A 223 -16.53 12.88 8.97
N ILE A 224 -17.08 14.04 8.67
CA ILE A 224 -16.48 15.03 7.73
C ILE A 224 -16.25 16.32 8.51
N ILE A 225 -15.34 17.12 7.97
CA ILE A 225 -14.96 18.45 8.51
C ILE A 225 -15.19 19.48 7.40
N TYR A 226 -16.09 20.43 7.64
CA TYR A 226 -16.22 21.70 6.89
C TYR A 226 -15.23 22.74 7.43
N LYS A 227 -14.59 23.47 6.51
CA LYS A 227 -13.73 24.64 6.81
C LYS A 227 -14.36 25.91 6.21
N LYS A 228 -14.31 26.99 6.97
CA LYS A 228 -14.61 28.38 6.52
C LYS A 228 -13.73 28.68 5.32
N THR A 229 -14.31 29.01 4.17
CA THR A 229 -13.59 29.25 2.88
C THR A 229 -12.85 30.60 2.91
N GLU A 287 14.48 16.02 8.48
CA GLU A 287 13.71 16.78 7.46
C GLU A 287 14.60 17.08 6.24
N ASP A 288 15.81 17.59 6.50
CA ASP A 288 16.83 17.82 5.44
C ASP A 288 17.23 16.44 4.87
N ASP A 289 17.35 15.42 5.73
CA ASP A 289 17.64 14.03 5.31
C ASP A 289 16.56 13.56 4.32
N PHE A 290 15.27 13.87 4.58
CA PHE A 290 14.14 13.57 3.66
C PHE A 290 14.44 14.19 2.30
N VAL A 291 14.86 15.46 2.27
CA VAL A 291 15.16 16.20 1.02
C VAL A 291 16.28 15.47 0.25
N TYR A 292 17.36 15.04 0.92
CA TYR A 292 18.52 14.35 0.28
C TYR A 292 18.04 13.03 -0.36
N PHE A 293 17.31 12.20 0.38
CA PHE A 293 16.82 10.88 -0.11
C PHE A 293 15.88 11.07 -1.32
N ASN A 294 15.39 12.29 -1.60
CA ASN A 294 14.51 12.60 -2.76
C ASN A 294 15.28 13.33 -3.86
N PHE A 295 16.61 13.33 -3.82
CA PHE A 295 17.48 13.97 -4.84
C PHE A 295 17.22 13.41 -6.24
N ASN A 296 16.56 12.25 -6.40
CA ASN A 296 16.46 11.63 -7.75
C ASN A 296 15.04 11.72 -8.32
N LYS A 297 14.13 12.43 -7.64
CA LYS A 297 12.69 12.54 -8.05
C LYS A 297 12.59 13.11 -9.48
N GLU A 298 12.50 12.21 -10.47
CA GLU A 298 12.32 12.49 -11.93
C GLU A 298 13.13 13.73 -12.32
N LYS A 304 3.99 12.85 -15.49
CA LYS A 304 4.12 12.05 -16.75
C LYS A 304 3.09 12.54 -17.76
N ASN A 305 1.83 12.14 -17.61
CA ASN A 305 0.71 12.61 -18.48
C ASN A 305 0.45 14.06 -18.09
N SER A 306 0.06 14.31 -16.84
CA SER A 306 -0.23 15.66 -16.29
C SER A 306 -0.93 16.47 -17.38
N ILE A 307 -1.75 15.77 -18.18
CA ILE A 307 -2.31 16.25 -19.48
C ILE A 307 -3.81 16.50 -19.22
N HIS A 308 -4.14 16.88 -17.99
CA HIS A 308 -5.50 17.32 -17.56
C HIS A 308 -5.52 17.93 -16.16
N PRO A 309 -4.38 18.32 -15.54
CA PRO A 309 -4.28 18.34 -14.08
C PRO A 309 -4.93 19.60 -13.47
N ASN A 310 -5.32 19.53 -12.20
CA ASN A 310 -5.97 20.66 -11.45
C ASN A 310 -7.31 21.02 -12.12
N ASP A 311 -7.75 20.23 -13.11
CA ASP A 311 -9.18 19.85 -13.28
C ASP A 311 -9.64 19.01 -12.07
N PHE A 312 -8.76 18.71 -11.10
CA PHE A 312 -9.07 17.89 -9.89
C PHE A 312 -9.00 18.79 -8.66
N GLN A 313 -9.67 19.94 -8.70
CA GLN A 313 -9.52 21.04 -7.71
C GLN A 313 -10.08 20.59 -6.36
N ILE A 314 -11.33 20.12 -6.35
CA ILE A 314 -12.00 19.60 -5.12
C ILE A 314 -11.19 18.39 -4.61
N TYR A 315 -10.95 17.39 -5.45
CA TYR A 315 -10.18 16.15 -5.10
C TYR A 315 -8.90 16.55 -4.36
N ASN A 316 -8.13 17.47 -4.94
CA ASN A 316 -6.79 17.88 -4.45
C ASN A 316 -6.89 18.87 -3.28
N SER A 317 -8.03 19.54 -3.08
CA SER A 317 -8.25 20.50 -1.95
C SER A 317 -8.34 19.72 -0.63
N LEU A 318 -8.92 18.51 -0.63
CA LEU A 318 -9.16 17.65 0.56
C LEU A 318 -7.85 17.28 1.24
N LYS A 319 -7.80 17.43 2.56
CA LYS A 319 -6.62 17.12 3.39
C LYS A 319 -6.60 15.63 3.71
N TYR A 320 -7.63 15.09 4.37
CA TYR A 320 -7.66 13.66 4.78
C TYR A 320 -8.75 12.97 3.95
N LYS A 321 -8.34 11.99 3.16
CA LYS A 321 -9.20 11.27 2.19
C LYS A 321 -9.24 9.82 2.66
N TYR A 322 -9.94 9.58 3.78
CA TYR A 322 -9.93 8.30 4.54
C TYR A 322 -11.12 7.42 4.18
N HIS A 323 -12.16 7.96 3.56
CA HIS A 323 -13.34 7.19 3.09
C HIS A 323 -12.81 6.09 2.16
N PRO A 324 -13.23 4.82 2.33
CA PRO A 324 -12.65 3.72 1.56
C PRO A 324 -12.85 3.90 0.04
N GLU A 325 -13.85 4.69 -0.36
CA GLU A 325 -14.09 5.01 -1.79
C GLU A 325 -12.83 5.63 -2.42
N TYR A 326 -11.97 6.26 -1.63
CA TYR A 326 -10.72 6.90 -2.14
C TYR A 326 -9.74 5.81 -2.55
N GLN A 327 -9.90 4.57 -2.09
CA GLN A 327 -9.05 3.48 -2.61
C GLN A 327 -9.26 3.35 -4.12
N TYR A 328 -10.51 3.35 -4.55
CA TYR A 328 -10.94 3.38 -5.97
C TYR A 328 -10.47 4.68 -6.63
N LEU A 329 -10.87 5.83 -6.08
CA LEU A 329 -10.63 7.14 -6.75
C LEU A 329 -9.13 7.40 -6.84
N ASN A 330 -8.33 7.02 -5.84
CA ASN A 330 -6.87 7.28 -5.86
C ASN A 330 -6.20 6.45 -6.95
N ILE A 331 -6.71 5.26 -7.24
CA ILE A 331 -6.14 4.43 -8.33
C ILE A 331 -6.46 5.12 -9.65
N ILE A 332 -7.69 5.61 -9.81
CA ILE A 332 -8.05 6.37 -11.03
C ILE A 332 -7.09 7.55 -11.18
N TYR A 333 -6.75 8.25 -10.09
CA TYR A 333 -5.94 9.47 -10.17
C TYR A 333 -4.53 9.03 -10.59
N ASP A 334 -4.05 7.97 -9.93
CA ASP A 334 -2.71 7.42 -10.21
C ASP A 334 -2.65 7.01 -11.68
N ILE A 335 -3.67 6.36 -12.22
CA ILE A 335 -3.56 5.92 -13.64
C ILE A 335 -3.56 7.18 -14.53
N MET A 336 -4.41 8.15 -14.27
CA MET A 336 -4.50 9.39 -15.09
C MET A 336 -3.16 10.12 -15.07
N MET A 337 -2.53 10.27 -13.90
CA MET A 337 -1.32 11.13 -13.72
C MET A 337 -0.07 10.35 -14.14
N ASN A 338 0.02 9.03 -13.91
CA ASN A 338 1.27 8.26 -14.12
C ASN A 338 1.06 7.09 -15.07
N GLY A 339 -0.15 6.89 -15.56
CA GLY A 339 -0.47 5.77 -16.45
C GLY A 339 0.34 5.78 -17.74
N ASN A 340 0.51 4.59 -18.31
CA ASN A 340 1.19 4.33 -19.59
C ASN A 340 0.14 4.29 -20.71
N LYS A 341 0.38 5.00 -21.82
CA LYS A 341 -0.51 5.03 -23.02
C LYS A 341 -0.23 3.78 -23.84
N GLN A 342 -1.26 3.03 -24.17
CA GLN A 342 -1.14 1.79 -24.97
C GLN A 342 -2.41 1.65 -25.80
N SER A 343 -2.33 0.95 -26.92
CA SER A 343 -3.50 0.45 -27.68
C SER A 343 -4.16 -0.69 -26.89
N ASP A 344 -5.33 -1.15 -27.34
CA ASP A 344 -5.93 -2.38 -26.77
C ASP A 344 -6.84 -3.01 -27.83
N ARG A 345 -7.41 -4.18 -27.51
CA ARG A 345 -8.39 -4.91 -28.37
C ARG A 345 -9.15 -3.91 -29.24
N THR A 346 -10.03 -3.10 -28.64
CA THR A 346 -11.01 -2.25 -29.36
C THR A 346 -10.28 -1.17 -30.20
N GLY A 347 -9.04 -0.84 -29.82
CA GLY A 347 -8.19 0.17 -30.49
C GLY A 347 -8.47 1.57 -29.99
N VAL A 348 -9.21 1.70 -28.88
CA VAL A 348 -9.68 3.00 -28.32
C VAL A 348 -8.55 3.63 -27.50
N GLY A 349 -7.54 2.86 -27.11
CA GLY A 349 -6.45 3.42 -26.30
C GLY A 349 -6.83 3.59 -24.83
N VAL A 350 -5.90 3.25 -23.94
CA VAL A 350 -6.12 3.31 -22.48
C VAL A 350 -4.89 3.92 -21.87
N LEU A 351 -5.01 4.37 -20.63
CA LEU A 351 -3.88 4.56 -19.70
C LEU A 351 -3.86 3.34 -18.79
N SER A 352 -2.70 2.72 -18.60
CA SER A 352 -2.62 1.42 -17.90
C SER A 352 -1.52 1.50 -16.84
N LYS A 353 -1.70 0.75 -15.76
CA LYS A 353 -0.68 0.43 -14.74
C LYS A 353 -0.88 -1.03 -14.33
N PHE A 354 0.06 -1.58 -13.57
CA PHE A 354 0.10 -3.02 -13.27
C PHE A 354 0.26 -3.21 -11.76
N GLY A 355 -0.73 -3.78 -11.09
CA GLY A 355 -0.55 -4.23 -9.69
C GLY A 355 -1.08 -3.23 -8.68
N TYR A 356 -2.30 -3.42 -8.20
CA TYR A 356 -2.90 -2.63 -7.09
C TYR A 356 -3.66 -3.57 -6.16
N ILE A 357 -3.81 -3.15 -4.91
CA ILE A 357 -4.67 -3.83 -3.93
C ILE A 357 -5.62 -2.82 -3.29
N MET A 358 -6.91 -3.16 -3.20
CA MET A 358 -7.89 -2.41 -2.39
C MET A 358 -8.44 -3.39 -1.37
N LYS A 359 -8.79 -2.89 -0.18
CA LYS A 359 -9.39 -3.69 0.92
C LYS A 359 -10.60 -2.96 1.46
N PHE A 360 -11.73 -3.66 1.58
CA PHE A 360 -13.03 -3.11 2.04
C PHE A 360 -13.48 -3.95 3.25
N ASP A 361 -13.83 -3.27 4.33
CA ASP A 361 -14.28 -3.88 5.60
C ASP A 361 -15.80 -4.09 5.53
N LEU A 362 -16.22 -5.29 5.15
CA LEU A 362 -17.64 -5.63 4.96
C LEU A 362 -18.32 -5.76 6.33
N SER A 363 -17.57 -5.87 7.42
CA SER A 363 -18.17 -5.75 8.77
C SER A 363 -18.65 -4.32 9.00
N GLN A 364 -18.14 -3.31 8.28
CA GLN A 364 -18.38 -1.88 8.63
C GLN A 364 -19.30 -1.18 7.61
N TYR A 365 -19.44 -1.70 6.40
CA TYR A 365 -20.17 -1.05 5.27
C TYR A 365 -20.21 -2.00 4.07
N PHE A 366 -21.13 -1.76 3.13
CA PHE A 366 -21.15 -2.38 1.77
C PHE A 366 -20.57 -1.37 0.79
N PRO A 367 -19.37 -1.64 0.18
CA PRO A 367 -18.68 -0.68 -0.67
C PRO A 367 -19.28 -0.53 -2.08
N LEU A 368 -20.52 -0.08 -2.13
CA LEU A 368 -21.19 0.36 -3.38
C LEU A 368 -20.83 1.83 -3.64
N LEU A 369 -20.12 2.12 -4.73
CA LEU A 369 -19.59 3.50 -4.94
C LEU A 369 -20.73 4.51 -4.88
N THR A 370 -20.47 5.66 -4.28
CA THR A 370 -21.44 6.72 -3.99
C THR A 370 -21.14 7.91 -4.89
N THR A 371 -19.95 7.97 -5.54
CA THR A 371 -19.60 9.13 -6.40
C THR A 371 -20.28 9.00 -7.78
N LYS A 372 -21.03 7.94 -8.02
CA LYS A 372 -21.99 7.84 -9.16
C LYS A 372 -23.02 6.78 -8.81
N LYS A 373 -24.17 6.83 -9.46
CA LYS A 373 -25.28 5.90 -9.16
C LYS A 373 -24.96 4.53 -9.77
N LEU A 374 -25.05 3.48 -8.96
CA LEU A 374 -24.92 2.07 -9.42
C LEU A 374 -26.22 1.33 -9.10
N PHE A 375 -26.61 0.41 -9.98
CA PHE A 375 -27.75 -0.52 -9.83
C PHE A 375 -27.20 -1.94 -9.69
N LEU A 376 -27.84 -2.75 -8.85
CA LEU A 376 -27.29 -4.05 -8.43
C LEU A 376 -28.15 -5.23 -8.92
N ARG A 377 -29.37 -5.01 -9.40
CA ARG A 377 -30.30 -6.12 -9.74
C ARG A 377 -29.55 -7.10 -10.67
N GLY A 378 -28.93 -6.56 -11.73
CA GLY A 378 -28.21 -7.27 -12.80
C GLY A 378 -27.01 -8.03 -12.25
N ILE A 379 -26.18 -7.38 -11.45
CA ILE A 379 -24.96 -8.08 -10.95
C ILE A 379 -25.41 -9.17 -9.99
N ILE A 380 -26.57 -9.04 -9.30
CA ILE A 380 -27.04 -10.13 -8.37
C ILE A 380 -27.56 -11.29 -9.24
N GLU A 381 -28.32 -11.00 -10.31
CA GLU A 381 -28.82 -12.03 -11.25
C GLU A 381 -27.63 -12.76 -11.89
N GLU A 382 -26.58 -12.05 -12.30
CA GLU A 382 -25.35 -12.69 -12.85
C GLU A 382 -24.76 -13.71 -11.86
N LEU A 383 -24.58 -13.29 -10.62
CA LEU A 383 -24.01 -14.11 -9.54
C LEU A 383 -24.86 -15.36 -9.31
N LEU A 384 -26.19 -15.21 -9.31
CA LEU A 384 -27.08 -16.37 -9.03
C LEU A 384 -26.99 -17.33 -10.25
N TRP A 385 -26.88 -16.80 -11.45
CA TRP A 385 -26.69 -17.57 -12.70
C TRP A 385 -25.34 -18.27 -12.67
N PHE A 386 -24.28 -17.63 -12.17
CA PHE A 386 -22.95 -18.28 -12.00
C PHE A 386 -23.13 -19.48 -11.07
N ILE A 387 -23.77 -19.26 -9.92
CA ILE A 387 -23.88 -20.30 -8.86
C ILE A 387 -24.70 -21.47 -9.42
N ARG A 388 -25.76 -21.20 -10.18
CA ARG A 388 -26.56 -22.28 -10.83
C ARG A 388 -25.71 -23.07 -11.84
N GLY A 389 -24.52 -22.59 -12.21
CA GLY A 389 -23.63 -23.25 -13.19
C GLY A 389 -24.06 -22.99 -14.63
N GLU A 390 -24.93 -22.00 -14.85
CA GLU A 390 -25.51 -21.65 -16.18
C GLU A 390 -24.50 -20.97 -17.11
N THR A 391 -24.65 -21.23 -18.41
CA THR A 391 -23.86 -20.62 -19.51
C THR A 391 -24.81 -20.05 -20.57
N ASN A 392 -26.11 -20.16 -20.32
CA ASN A 392 -27.19 -19.73 -21.26
C ASN A 392 -27.45 -18.23 -21.05
N GLY A 393 -26.91 -17.39 -21.93
CA GLY A 393 -27.17 -15.94 -21.94
C GLY A 393 -28.65 -15.60 -22.00
N ASN A 394 -29.49 -16.45 -22.62
CA ASN A 394 -30.92 -16.12 -22.79
C ASN A 394 -31.55 -16.04 -21.40
N THR A 395 -31.09 -16.83 -20.41
CA THR A 395 -31.61 -16.76 -19.03
C THR A 395 -31.46 -15.33 -18.49
N LEU A 396 -30.33 -14.68 -18.66
CA LEU A 396 -30.18 -13.28 -18.19
C LEU A 396 -31.05 -12.34 -19.02
N LEU A 397 -31.01 -12.47 -20.36
CA LEU A 397 -31.74 -11.59 -21.30
C LEU A 397 -33.25 -11.58 -21.00
N ASN A 398 -33.82 -12.70 -20.55
CA ASN A 398 -35.24 -12.86 -20.14
C ASN A 398 -35.55 -12.25 -18.78
N LYS A 399 -34.53 -11.86 -17.99
CA LYS A 399 -34.65 -11.08 -16.74
C LYS A 399 -34.30 -9.61 -17.02
N ASN A 400 -34.14 -9.25 -18.29
CA ASN A 400 -33.70 -7.91 -18.76
C ASN A 400 -32.34 -7.54 -18.14
N VAL A 401 -31.40 -8.48 -18.14
CA VAL A 401 -29.99 -8.25 -17.76
C VAL A 401 -29.14 -8.51 -19.01
N ARG A 402 -28.42 -7.49 -19.49
CA ARG A 402 -27.80 -7.45 -20.83
C ARG A 402 -26.29 -7.45 -20.74
N ILE A 403 -25.74 -7.67 -19.55
CA ILE A 403 -24.28 -7.67 -19.24
C ILE A 403 -23.53 -8.53 -20.28
N TRP A 404 -24.04 -9.70 -20.61
CA TRP A 404 -23.37 -10.68 -21.52
C TRP A 404 -23.97 -10.63 -22.93
N GLU A 405 -24.93 -9.74 -23.21
CA GLU A 405 -25.59 -9.72 -24.55
C GLU A 405 -24.54 -9.57 -25.65
N ALA A 406 -23.67 -8.57 -25.61
CA ALA A 406 -22.72 -8.31 -26.71
C ALA A 406 -21.79 -9.52 -26.94
N ASN A 407 -21.50 -10.32 -25.91
CA ASN A 407 -20.49 -11.40 -26.04
C ASN A 407 -21.22 -12.66 -26.52
N GLY A 408 -22.53 -12.56 -26.74
CA GLY A 408 -23.38 -13.67 -27.17
C GLY A 408 -23.78 -13.63 -28.64
N THR A 409 -23.43 -12.58 -29.39
CA THR A 409 -23.95 -12.34 -30.76
C THR A 409 -23.28 -13.29 -31.78
N ARG A 410 -23.98 -13.56 -32.88
CA ARG A 410 -23.43 -14.35 -34.02
C ARG A 410 -22.05 -13.79 -34.37
N GLU A 411 -21.94 -12.47 -34.53
CA GLU A 411 -20.70 -11.80 -35.00
C GLU A 411 -19.62 -11.93 -33.93
N PHE A 412 -20.00 -11.74 -32.65
CA PHE A 412 -19.00 -11.86 -31.56
C PHE A 412 -18.45 -13.28 -31.58
N LEU A 413 -19.33 -14.29 -31.60
CA LEU A 413 -18.95 -15.73 -31.50
C LEU A 413 -18.11 -16.15 -32.72
N ASP A 414 -18.48 -15.69 -33.92
CA ASP A 414 -17.77 -15.94 -35.20
C ASP A 414 -16.39 -15.27 -35.18
N ASN A 415 -16.30 -14.05 -34.67
CA ASN A 415 -14.98 -13.37 -34.52
C ASN A 415 -14.12 -14.09 -33.45
N ARG A 416 -14.71 -14.91 -32.54
CA ARG A 416 -13.93 -15.81 -31.64
C ARG A 416 -13.63 -17.16 -32.30
N LYS A 417 -14.09 -17.39 -33.55
CA LYS A 417 -14.00 -18.70 -34.26
C LYS A 417 -14.92 -19.74 -33.58
N LEU A 418 -16.00 -19.33 -32.94
CA LEU A 418 -17.02 -20.23 -32.35
C LEU A 418 -18.20 -20.34 -33.33
N PHE A 419 -17.87 -20.79 -34.56
CA PHE A 419 -18.78 -20.88 -35.71
C PHE A 419 -19.91 -21.85 -35.36
N HIS A 420 -19.58 -22.92 -34.62
CA HIS A 420 -20.53 -24.00 -34.21
C HIS A 420 -21.17 -23.70 -32.85
N ARG A 421 -21.08 -22.47 -32.36
CA ARG A 421 -21.75 -22.09 -31.10
C ARG A 421 -23.09 -21.41 -31.40
N GLU A 422 -24.17 -21.87 -30.76
CA GLU A 422 -25.45 -21.16 -30.80
C GLU A 422 -25.33 -19.75 -30.17
N VAL A 423 -26.08 -18.79 -30.72
CA VAL A 423 -26.27 -17.39 -30.20
C VAL A 423 -26.59 -17.45 -28.71
N ASN A 424 -25.86 -16.68 -27.90
CA ASN A 424 -26.00 -16.56 -26.41
C ASN A 424 -25.56 -17.84 -25.71
N ASP A 425 -24.91 -18.77 -26.41
CA ASP A 425 -24.28 -19.94 -25.75
C ASP A 425 -22.84 -19.52 -25.47
N LEU A 426 -22.60 -19.04 -24.26
CA LEU A 426 -21.34 -18.34 -23.90
C LEU A 426 -20.20 -19.33 -23.66
N GLY A 427 -20.49 -20.63 -23.67
CA GLY A 427 -19.44 -21.67 -23.55
C GLY A 427 -19.04 -21.86 -22.08
N PRO A 428 -17.88 -22.54 -21.81
CA PRO A 428 -17.50 -22.92 -20.44
C PRO A 428 -16.93 -21.76 -19.61
N ILE A 429 -17.76 -20.75 -19.35
CA ILE A 429 -17.40 -19.51 -18.62
C ILE A 429 -17.68 -19.78 -17.13
N TYR A 430 -17.64 -18.74 -16.30
CA TYR A 430 -17.60 -18.77 -14.82
C TYR A 430 -18.47 -19.89 -14.22
N GLY A 431 -19.78 -19.84 -14.43
CA GLY A 431 -20.67 -20.81 -13.74
C GLY A 431 -20.28 -22.26 -14.04
N PHE A 432 -19.89 -22.52 -15.28
CA PHE A 432 -19.47 -23.88 -15.69
C PHE A 432 -18.18 -24.27 -14.95
N GLN A 433 -17.20 -23.36 -14.86
CA GLN A 433 -15.93 -23.66 -14.18
C GLN A 433 -16.20 -23.80 -12.67
N TRP A 434 -17.14 -23.03 -12.12
CA TRP A 434 -17.43 -23.08 -10.67
C TRP A 434 -18.09 -24.41 -10.28
N ARG A 435 -18.88 -25.03 -11.17
CA ARG A 435 -19.64 -26.26 -10.83
C ARG A 435 -19.06 -27.50 -11.54
N HIS A 436 -18.27 -27.35 -12.61
CA HIS A 436 -17.97 -28.50 -13.52
C HIS A 436 -16.58 -28.39 -14.14
N PHE A 437 -15.62 -27.74 -13.48
CA PHE A 437 -14.25 -27.58 -14.01
C PHE A 437 -13.72 -28.94 -14.44
N GLY A 438 -13.29 -29.04 -15.69
CA GLY A 438 -12.62 -30.24 -16.21
C GLY A 438 -13.54 -31.08 -17.07
N ALA A 439 -14.85 -30.88 -16.95
CA ALA A 439 -15.87 -31.53 -17.82
C ALA A 439 -15.74 -30.97 -19.24
N GLU A 440 -16.09 -31.79 -20.22
CA GLU A 440 -16.14 -31.45 -21.67
C GLU A 440 -17.41 -30.67 -21.87
N TYR A 441 -17.29 -29.40 -22.26
CA TYR A 441 -18.47 -28.57 -22.54
C TYR A 441 -19.07 -29.07 -23.85
N THR A 442 -20.40 -29.20 -23.91
CA THR A 442 -21.14 -29.63 -25.12
C THR A 442 -21.89 -28.40 -25.59
N ASN A 443 -23.01 -28.10 -24.93
CA ASN A 443 -23.87 -26.94 -25.23
C ASN A 443 -24.52 -26.45 -23.92
N MET A 444 -25.16 -25.30 -23.96
CA MET A 444 -25.71 -24.61 -22.76
C MET A 444 -26.93 -25.33 -22.18
N TYR A 445 -27.49 -26.31 -22.89
CA TYR A 445 -28.69 -27.04 -22.44
C TYR A 445 -28.32 -28.40 -21.83
N ASP A 446 -27.08 -28.82 -21.91
CA ASP A 446 -26.71 -30.17 -21.44
C ASP A 446 -26.86 -30.23 -19.91
N ASN A 447 -27.08 -31.43 -19.38
CA ASN A 447 -27.13 -31.72 -17.93
C ASN A 447 -25.70 -32.16 -17.58
N TYR A 448 -24.95 -31.36 -16.85
CA TYR A 448 -23.53 -31.69 -16.51
C TYR A 448 -23.45 -32.24 -15.08
N GLU A 449 -24.58 -32.60 -14.48
CA GLU A 449 -24.64 -33.05 -13.06
C GLU A 449 -23.58 -34.14 -12.84
N ASN A 450 -22.73 -33.98 -11.82
CA ASN A 450 -21.65 -34.88 -11.37
C ASN A 450 -20.57 -35.05 -12.45
N LYS A 451 -20.41 -34.08 -13.35
CA LYS A 451 -19.24 -34.03 -14.26
C LYS A 451 -18.36 -32.86 -13.83
N GLY A 452 -17.06 -33.07 -13.93
CA GLY A 452 -16.00 -32.12 -13.55
C GLY A 452 -15.99 -31.88 -12.05
N VAL A 453 -15.23 -30.88 -11.63
CA VAL A 453 -15.05 -30.58 -10.19
C VAL A 453 -16.02 -29.47 -9.80
N ASP A 454 -16.91 -29.76 -8.82
CA ASP A 454 -17.77 -28.76 -8.14
C ASP A 454 -16.90 -28.02 -7.11
N GLN A 455 -16.11 -27.05 -7.59
CA GLN A 455 -15.17 -26.26 -6.76
C GLN A 455 -15.95 -25.48 -5.71
N LEU A 456 -17.10 -24.93 -6.11
CA LEU A 456 -17.97 -24.12 -5.22
C LEU A 456 -18.39 -24.97 -4.02
N LYS A 457 -18.95 -26.15 -4.25
CA LYS A 457 -19.28 -27.08 -3.14
C LYS A 457 -18.00 -27.37 -2.34
N ASN A 458 -16.83 -27.56 -2.99
CA ASN A 458 -15.60 -27.96 -2.26
C ASN A 458 -15.16 -26.84 -1.31
N ILE A 459 -15.20 -25.59 -1.76
CA ILE A 459 -14.64 -24.48 -0.94
C ILE A 459 -15.61 -24.29 0.22
N ILE A 460 -16.91 -24.47 0.03
CA ILE A 460 -17.89 -24.32 1.14
C ILE A 460 -17.57 -25.39 2.21
N ASN A 461 -17.26 -26.62 1.80
CA ASN A 461 -16.87 -27.73 2.73
C ASN A 461 -15.52 -27.45 3.39
N LEU A 462 -14.55 -26.93 2.63
CA LEU A 462 -13.21 -26.56 3.18
C LEU A 462 -13.45 -25.45 4.24
N ILE A 463 -14.28 -24.46 3.93
CA ILE A 463 -14.49 -23.34 4.88
C ILE A 463 -15.15 -23.89 6.15
N LYS A 464 -16.11 -24.81 6.04
CA LYS A 464 -16.80 -25.39 7.22
C LYS A 464 -15.89 -26.33 8.01
N ASN A 465 -15.10 -27.18 7.34
CA ASN A 465 -14.47 -28.37 7.99
C ASN A 465 -12.97 -28.23 8.10
N ASP A 466 -12.37 -27.29 7.36
CA ASP A 466 -10.90 -27.13 7.35
C ASP A 466 -10.59 -25.65 7.23
N PRO A 467 -11.13 -24.79 8.13
CA PRO A 467 -11.10 -23.34 7.97
C PRO A 467 -9.70 -22.68 7.87
N THR A 468 -8.64 -23.32 8.38
CA THR A 468 -7.25 -22.81 8.35
C THR A 468 -6.54 -23.31 7.09
N SER A 469 -7.19 -24.13 6.26
CA SER A 469 -6.68 -24.49 4.93
C SER A 469 -6.21 -23.24 4.18
N ARG A 470 -5.04 -23.35 3.55
CA ARG A 470 -4.48 -22.31 2.65
C ARG A 470 -4.78 -22.66 1.20
N ARG A 471 -5.73 -23.57 0.98
CA ARG A 471 -6.07 -24.11 -0.37
C ARG A 471 -7.51 -23.78 -0.72
N ILE A 472 -8.11 -22.77 -0.09
CA ILE A 472 -9.56 -22.47 -0.35
C ILE A 472 -9.63 -21.45 -1.48
N LEU A 473 -9.54 -21.96 -2.71
CA LEU A 473 -9.47 -21.18 -3.96
C LEU A 473 -10.55 -21.67 -4.91
N LEU A 474 -11.30 -20.74 -5.48
CA LEU A 474 -12.27 -20.95 -6.58
C LEU A 474 -11.65 -20.26 -7.81
N CYS A 475 -11.29 -21.03 -8.87
CA CYS A 475 -10.53 -20.55 -10.06
C CYS A 475 -11.38 -20.70 -11.32
N ALA A 476 -11.57 -19.63 -12.10
CA ALA A 476 -12.36 -19.64 -13.36
C ALA A 476 -11.45 -19.74 -14.60
N TRP A 477 -10.15 -19.52 -14.42
CA TRP A 477 -9.16 -19.61 -15.51
C TRP A 477 -8.78 -21.06 -15.79
N ASN A 478 -9.62 -21.71 -16.57
CA ASN A 478 -9.37 -23.07 -17.10
C ASN A 478 -8.65 -22.92 -18.45
N VAL A 479 -7.33 -23.05 -18.41
CA VAL A 479 -6.37 -22.91 -19.54
C VAL A 479 -6.89 -23.76 -20.73
N LYS A 480 -7.40 -24.97 -20.45
CA LYS A 480 -7.85 -25.90 -21.50
C LYS A 480 -9.04 -25.30 -22.25
N ASP A 481 -9.88 -24.51 -21.58
CA ASP A 481 -11.24 -24.11 -22.08
C ASP A 481 -11.27 -22.64 -22.55
N LEU A 482 -10.17 -21.90 -22.39
CA LEU A 482 -10.16 -20.45 -22.67
C LEU A 482 -10.76 -20.18 -24.05
N ASP A 483 -10.37 -20.94 -25.08
CA ASP A 483 -10.70 -20.63 -26.51
C ASP A 483 -12.17 -20.99 -26.79
N GLN A 484 -12.78 -21.85 -25.96
CA GLN A 484 -14.20 -22.23 -26.06
C GLN A 484 -15.09 -21.17 -25.39
N MET A 485 -14.51 -20.30 -24.57
CA MET A 485 -15.28 -19.23 -23.88
C MET A 485 -15.53 -18.08 -24.87
N ALA A 486 -16.72 -17.50 -24.80
CA ALA A 486 -17.06 -16.21 -25.46
C ALA A 486 -15.90 -15.26 -25.21
N LEU A 487 -15.48 -15.13 -23.95
CA LEU A 487 -14.15 -14.56 -23.69
C LEU A 487 -13.64 -15.08 -22.36
N PRO A 488 -12.32 -15.06 -22.18
CA PRO A 488 -11.73 -15.58 -20.95
C PRO A 488 -12.12 -14.72 -19.74
N PRO A 489 -12.18 -15.31 -18.54
CA PRO A 489 -12.57 -14.55 -17.35
C PRO A 489 -11.56 -13.45 -17.06
N CYS A 490 -12.07 -12.32 -16.61
CA CYS A 490 -11.27 -11.26 -15.96
C CYS A 490 -11.03 -11.58 -14.49
N HIS A 491 -12.05 -12.10 -13.81
CA HIS A 491 -12.00 -12.47 -12.38
C HIS A 491 -11.42 -13.88 -12.28
N ILE A 492 -10.11 -14.00 -12.13
CA ILE A 492 -9.34 -15.27 -12.30
C ILE A 492 -9.71 -16.24 -11.15
N LEU A 493 -9.71 -15.75 -9.93
CA LEU A 493 -9.77 -16.58 -8.71
C LEU A 493 -10.18 -15.78 -7.48
N CYS A 494 -10.82 -16.49 -6.56
CA CYS A 494 -11.16 -16.10 -5.18
C CYS A 494 -10.36 -17.00 -4.27
N GLN A 495 -9.64 -16.41 -3.32
CA GLN A 495 -9.04 -17.16 -2.20
C GLN A 495 -9.75 -16.74 -0.91
N PHE A 496 -10.03 -17.70 -0.03
CA PHE A 496 -10.72 -17.41 1.26
C PHE A 496 -9.80 -17.65 2.44
N TYR A 497 -10.13 -16.96 3.52
CA TYR A 497 -9.33 -16.84 4.76
C TYR A 497 -10.33 -16.81 5.91
N VAL A 498 -10.12 -17.68 6.90
CA VAL A 498 -10.99 -17.78 8.10
C VAL A 498 -10.12 -17.57 9.32
N PHE A 499 -10.51 -16.61 10.15
CA PHE A 499 -9.97 -16.40 11.52
C PHE A 499 -11.11 -15.94 12.42
N ASP A 500 -11.29 -16.59 13.57
CA ASP A 500 -12.16 -16.11 14.68
C ASP A 500 -13.58 -15.93 14.15
N GLY A 501 -14.06 -16.88 13.36
CA GLY A 501 -15.47 -16.89 12.90
C GLY A 501 -15.77 -15.83 11.85
N LYS A 502 -14.75 -15.21 11.25
CA LYS A 502 -14.95 -14.20 10.18
C LYS A 502 -14.28 -14.70 8.90
N LEU A 503 -14.94 -14.46 7.76
CA LEU A 503 -14.48 -14.87 6.40
C LEU A 503 -13.96 -13.64 5.66
N SER A 504 -12.72 -13.68 5.17
CA SER A 504 -12.20 -12.72 4.16
C SER A 504 -12.02 -13.38 2.79
N CYS A 505 -12.02 -12.59 1.71
CA CYS A 505 -11.97 -13.05 0.30
C CYS A 505 -11.00 -12.13 -0.45
N ILE A 506 -9.97 -12.69 -1.06
CA ILE A 506 -9.13 -12.00 -2.09
C ILE A 506 -9.70 -12.40 -3.44
N MET A 507 -10.04 -11.42 -4.30
CA MET A 507 -10.27 -11.74 -5.74
C MET A 507 -9.18 -11.11 -6.59
N TYR A 508 -8.56 -11.92 -7.45
CA TYR A 508 -7.51 -11.46 -8.39
C TYR A 508 -8.16 -11.19 -9.74
N GLN A 509 -8.01 -9.94 -10.22
CA GLN A 509 -8.56 -9.49 -11.53
C GLN A 509 -7.42 -9.24 -12.51
N ARG A 510 -7.38 -9.98 -13.62
CA ARG A 510 -6.27 -9.88 -14.61
C ARG A 510 -6.38 -8.57 -15.38
N SER A 511 -7.58 -8.08 -15.54
CA SER A 511 -7.92 -6.97 -16.46
C SER A 511 -9.05 -6.17 -15.85
N CYS A 512 -8.84 -4.87 -15.62
CA CYS A 512 -9.71 -4.04 -14.77
C CYS A 512 -9.97 -2.74 -15.50
N ASP A 513 -11.21 -2.59 -15.95
CA ASP A 513 -11.74 -1.38 -16.60
C ASP A 513 -12.16 -0.49 -15.44
N LEU A 514 -11.34 0.47 -15.05
CA LEU A 514 -11.57 1.19 -13.76
C LEU A 514 -12.87 1.98 -13.83
N GLY A 515 -13.19 2.54 -14.99
CA GLY A 515 -14.32 3.47 -15.14
C GLY A 515 -15.66 2.75 -15.16
N LEU A 516 -15.75 1.58 -15.79
CA LEU A 516 -17.07 0.89 -15.91
C LEU A 516 -17.12 -0.43 -15.14
N GLY A 517 -16.10 -1.30 -15.28
CA GLY A 517 -16.15 -2.67 -14.73
C GLY A 517 -15.93 -2.64 -13.22
N VAL A 518 -14.83 -2.06 -12.75
CA VAL A 518 -14.39 -2.23 -11.34
C VAL A 518 -15.51 -1.87 -10.36
N PRO A 519 -16.30 -0.78 -10.52
CA PRO A 519 -17.33 -0.47 -9.54
C PRO A 519 -18.26 -1.66 -9.32
N PHE A 520 -18.67 -2.33 -10.41
CA PHE A 520 -19.59 -3.50 -10.40
C PHE A 520 -18.86 -4.69 -9.79
N ASN A 521 -17.57 -4.90 -10.14
CA ASN A 521 -16.75 -6.07 -9.69
C ASN A 521 -16.58 -6.03 -8.16
N ILE A 522 -16.34 -4.84 -7.59
CA ILE A 522 -16.26 -4.67 -6.11
C ILE A 522 -17.58 -5.16 -5.52
N ALA A 523 -18.74 -4.70 -6.03
CA ALA A 523 -20.05 -5.00 -5.42
C ALA A 523 -20.33 -6.50 -5.55
N SER A 524 -20.03 -7.06 -6.72
CA SER A 524 -20.29 -8.49 -7.03
C SER A 524 -19.52 -9.38 -6.03
N TYR A 525 -18.21 -9.22 -5.85
CA TYR A 525 -17.43 -10.14 -4.99
C TYR A 525 -17.70 -9.84 -3.51
N SER A 526 -18.11 -8.62 -3.17
CA SER A 526 -18.53 -8.26 -1.78
C SER A 526 -19.80 -9.01 -1.39
N ILE A 527 -20.77 -9.07 -2.30
CA ILE A 527 -22.02 -9.85 -2.08
C ILE A 527 -21.67 -11.33 -1.99
N PHE A 528 -20.82 -11.84 -2.88
CA PHE A 528 -20.43 -13.27 -2.87
C PHE A 528 -19.83 -13.59 -1.49
N THR A 529 -18.95 -12.73 -1.00
CA THR A 529 -18.30 -12.94 0.32
C THR A 529 -19.37 -13.09 1.41
N HIS A 530 -20.39 -12.22 1.40
CA HIS A 530 -21.56 -12.28 2.32
C HIS A 530 -22.29 -13.61 2.21
N MET A 531 -22.59 -14.03 0.98
CA MET A 531 -23.32 -15.30 0.70
C MET A 531 -22.52 -16.47 1.27
N ILE A 532 -21.22 -16.54 0.99
CA ILE A 532 -20.37 -17.68 1.45
C ILE A 532 -20.29 -17.65 2.99
N ALA A 533 -20.09 -16.47 3.58
CA ALA A 533 -19.99 -16.30 5.05
C ALA A 533 -21.27 -16.84 5.70
N GLN A 534 -22.44 -16.45 5.21
CA GLN A 534 -23.72 -16.83 5.86
C GLN A 534 -23.88 -18.35 5.81
N VAL A 535 -23.70 -18.98 4.63
CA VAL A 535 -23.94 -20.44 4.44
C VAL A 535 -22.89 -21.26 5.19
N CYS A 536 -21.75 -20.67 5.62
CA CYS A 536 -20.74 -21.35 6.47
C CYS A 536 -20.82 -20.90 7.93
N ASN A 537 -21.83 -20.10 8.28
CA ASN A 537 -22.13 -19.62 9.65
C ASN A 537 -20.98 -18.74 10.12
N LEU A 538 -20.44 -17.88 9.27
CA LEU A 538 -19.34 -16.95 9.60
C LEU A 538 -19.87 -15.54 9.37
N GLN A 539 -19.17 -14.57 9.91
CA GLN A 539 -19.39 -13.13 9.58
C GLN A 539 -18.39 -12.70 8.50
N PRO A 540 -18.83 -11.90 7.53
CA PRO A 540 -17.87 -11.31 6.59
C PRO A 540 -16.87 -10.37 7.29
N ALA A 541 -15.60 -10.45 6.90
CA ALA A 541 -14.58 -9.46 7.31
C ALA A 541 -14.17 -8.60 6.08
N GLN A 542 -13.03 -8.88 5.43
CA GLN A 542 -12.52 -8.04 4.32
C GLN A 542 -12.82 -8.69 2.97
N PHE A 543 -13.19 -7.85 2.01
CA PHE A 543 -13.06 -8.13 0.57
C PHE A 543 -11.83 -7.38 0.12
N ILE A 544 -10.87 -8.14 -0.42
CA ILE A 544 -9.56 -7.66 -0.90
C ILE A 544 -9.54 -7.86 -2.42
N HIS A 545 -9.39 -6.75 -3.13
CA HIS A 545 -9.45 -6.69 -4.61
C HIS A 545 -8.01 -6.49 -5.12
N VAL A 546 -7.47 -7.49 -5.83
CA VAL A 546 -6.11 -7.35 -6.44
C VAL A 546 -6.30 -7.10 -7.93
N LEU A 547 -5.73 -6.00 -8.41
CA LEU A 547 -5.86 -5.53 -9.82
C LEU A 547 -4.52 -5.82 -10.52
N GLY A 548 -4.56 -6.60 -11.59
CA GLY A 548 -3.39 -6.83 -12.44
C GLY A 548 -3.25 -5.70 -13.44
N ASN A 549 -3.70 -5.92 -14.67
CA ASN A 549 -3.68 -4.85 -15.71
C ASN A 549 -4.85 -3.92 -15.39
N ALA A 550 -4.56 -2.75 -14.83
CA ALA A 550 -5.58 -1.77 -14.38
C ALA A 550 -5.60 -0.60 -15.38
N HIS A 551 -6.70 -0.39 -16.10
CA HIS A 551 -6.70 0.60 -17.21
C HIS A 551 -7.87 1.55 -17.13
N VAL A 552 -7.62 2.78 -17.53
CA VAL A 552 -8.67 3.78 -17.85
C VAL A 552 -8.76 3.98 -19.37
N TYR A 553 -9.94 3.76 -19.93
CA TYR A 553 -10.24 4.10 -21.34
C TYR A 553 -10.20 5.62 -21.51
N ASN A 554 -9.50 6.06 -22.56
CA ASN A 554 -9.37 7.50 -22.94
C ASN A 554 -10.77 8.12 -23.04
N ASN A 555 -11.75 7.39 -23.58
CA ASN A 555 -13.14 7.92 -23.71
C ASN A 555 -13.80 8.09 -22.33
N HIS A 556 -13.20 7.61 -21.22
CA HIS A 556 -13.82 7.72 -19.87
C HIS A 556 -13.21 8.89 -19.08
N ILE A 557 -12.13 9.48 -19.58
CA ILE A 557 -11.29 10.44 -18.82
C ILE A 557 -12.12 11.64 -18.36
N ASP A 558 -12.98 12.21 -19.21
CA ASP A 558 -13.71 13.46 -18.89
C ASP A 558 -14.77 13.13 -17.83
N SER A 559 -15.44 12.00 -17.98
CA SER A 559 -16.43 11.50 -16.99
C SER A 559 -15.78 11.20 -15.62
N LEU A 560 -14.56 10.67 -15.60
CA LEU A 560 -13.84 10.34 -14.35
C LEU A 560 -13.29 11.61 -13.67
N LYS A 561 -12.89 12.61 -14.45
CA LYS A 561 -12.52 13.96 -13.96
C LYS A 561 -13.69 14.53 -13.15
N ILE A 562 -14.88 14.47 -13.72
CA ILE A 562 -16.14 14.85 -13.01
C ILE A 562 -16.25 14.10 -11.68
N GLN A 563 -16.15 12.75 -11.72
CA GLN A 563 -16.47 11.83 -10.60
C GLN A 563 -15.50 12.09 -9.45
N LEU A 564 -14.24 12.40 -9.77
CA LEU A 564 -13.14 12.48 -8.76
C LEU A 564 -13.27 13.76 -7.94
N ASN A 565 -13.97 14.75 -8.48
CA ASN A 565 -14.24 16.04 -7.77
C ASN A 565 -15.56 15.92 -7.00
N ARG A 566 -16.11 14.72 -6.89
CA ARG A 566 -17.31 14.47 -6.04
C ARG A 566 -16.85 13.88 -4.70
N ILE A 567 -17.48 14.30 -3.60
CA ILE A 567 -17.11 13.81 -2.24
C ILE A 567 -18.01 12.64 -1.92
N PRO A 568 -17.42 11.46 -1.66
CA PRO A 568 -18.19 10.28 -1.29
C PRO A 568 -19.14 10.52 -0.11
N TYR A 569 -20.22 9.75 -0.08
CA TYR A 569 -21.24 9.68 1.00
C TYR A 569 -20.98 8.44 1.86
N PRO A 570 -21.46 8.40 3.11
CA PRO A 570 -21.35 7.17 3.89
C PRO A 570 -21.96 6.04 3.06
N PHE A 571 -21.28 4.91 3.01
CA PHE A 571 -21.71 3.71 2.26
C PHE A 571 -23.03 3.16 2.82
N PRO A 572 -23.78 2.41 1.96
CA PRO A 572 -24.95 1.67 2.40
C PRO A 572 -24.58 0.42 3.17
N THR A 573 -25.59 -0.34 3.55
CA THR A 573 -25.47 -1.70 4.12
C THR A 573 -26.14 -2.74 3.21
N LEU A 574 -25.67 -3.98 3.26
CA LEU A 574 -26.30 -5.14 2.57
C LEU A 574 -26.89 -6.08 3.62
N LYS A 575 -28.20 -6.36 3.58
CA LYS A 575 -28.83 -7.45 4.36
C LYS A 575 -29.16 -8.65 3.45
N LEU A 576 -28.85 -9.86 3.93
CA LEU A 576 -29.30 -11.17 3.39
C LEU A 576 -30.43 -11.71 4.27
N ASN A 577 -31.49 -12.23 3.66
CA ASN A 577 -32.44 -13.14 4.32
C ASN A 577 -31.63 -14.19 5.08
N PRO A 578 -31.66 -14.19 6.44
CA PRO A 578 -30.88 -15.16 7.20
C PRO A 578 -31.36 -16.62 7.14
N ASP A 579 -32.51 -16.92 6.53
CA ASP A 579 -33.08 -18.30 6.48
C ASP A 579 -32.30 -19.13 5.43
N ILE A 580 -31.60 -18.47 4.51
CA ILE A 580 -30.82 -19.16 3.44
C ILE A 580 -29.57 -19.79 4.08
N LYS A 581 -29.47 -21.12 4.01
CA LYS A 581 -28.40 -21.93 4.66
C LYS A 581 -27.54 -22.60 3.59
N ASN A 582 -27.92 -22.51 2.31
CA ASN A 582 -27.24 -23.22 1.20
C ASN A 582 -26.94 -22.21 0.08
N ILE A 583 -25.72 -22.24 -0.50
CA ILE A 583 -25.27 -21.24 -1.52
C ILE A 583 -26.28 -21.21 -2.68
N GLU A 584 -26.89 -22.36 -2.98
CA GLU A 584 -27.76 -22.57 -4.18
C GLU A 584 -29.18 -22.06 -3.92
N ASP A 585 -29.55 -21.76 -2.68
CA ASP A 585 -30.97 -21.44 -2.35
C ASP A 585 -31.23 -19.93 -2.36
N PHE A 586 -30.29 -19.09 -2.81
CA PHE A 586 -30.54 -17.62 -2.87
C PHE A 586 -31.36 -17.25 -4.13
N THR A 587 -32.23 -16.25 -3.99
CA THR A 587 -33.00 -15.61 -5.08
C THR A 587 -32.94 -14.09 -4.91
N ILE A 588 -33.26 -13.32 -5.94
CA ILE A 588 -33.05 -11.84 -6.00
C ILE A 588 -33.63 -11.18 -4.75
N SER A 589 -34.82 -11.61 -4.28
CA SER A 589 -35.56 -10.98 -3.16
C SER A 589 -34.86 -11.19 -1.82
N ASP A 590 -33.86 -12.09 -1.73
CA ASP A 590 -33.12 -12.36 -0.46
C ASP A 590 -32.06 -11.27 -0.15
N PHE A 591 -31.91 -10.26 -1.00
CA PHE A 591 -30.85 -9.23 -0.88
C PHE A 591 -31.51 -7.86 -0.69
N THR A 592 -31.11 -7.08 0.32
CA THR A 592 -31.53 -5.66 0.41
C THR A 592 -30.32 -4.76 0.66
N ILE A 593 -30.15 -3.77 -0.21
CA ILE A 593 -29.21 -2.62 -0.08
C ILE A 593 -30.01 -1.50 0.56
N GLN A 594 -29.66 -1.13 1.80
CA GLN A 594 -30.37 -0.10 2.62
C GLN A 594 -29.48 1.15 2.65
N ASN A 595 -30.10 2.32 2.57
CA ASN A 595 -29.45 3.61 2.89
C ASN A 595 -28.35 3.91 1.87
N TYR A 596 -28.58 3.52 0.61
CA TYR A 596 -27.72 3.93 -0.52
C TYR A 596 -27.91 5.43 -0.75
N VAL A 597 -26.88 6.19 -0.50
CA VAL A 597 -26.85 7.64 -0.80
C VAL A 597 -25.78 7.85 -1.86
N HIS A 598 -26.12 8.51 -2.96
CA HIS A 598 -25.18 8.61 -4.11
C HIS A 598 -25.39 9.92 -4.86
N HIS A 599 -24.33 10.36 -5.51
CA HIS A 599 -24.33 11.32 -6.64
C HIS A 599 -25.09 10.74 -7.86
N GLU A 600 -25.40 11.59 -8.83
CA GLU A 600 -26.27 11.17 -9.96
C GLU A 600 -25.45 10.30 -10.91
N LYS A 601 -26.14 9.40 -11.61
CA LYS A 601 -25.70 8.71 -12.84
C LYS A 601 -24.63 9.49 -13.58
N ILE A 602 -23.53 8.83 -13.94
CA ILE A 602 -22.59 9.33 -14.98
C ILE A 602 -22.60 8.30 -16.11
N SER A 603 -22.77 8.79 -17.34
CA SER A 603 -22.43 8.10 -18.61
C SER A 603 -20.91 8.15 -18.74
N MET A 604 -20.25 7.01 -18.57
CA MET A 604 -18.76 7.00 -18.66
C MET A 604 -18.39 7.43 -20.09
N ASP A 605 -19.12 6.92 -21.08
CA ASP A 605 -19.04 7.33 -22.51
C ASP A 605 -19.73 8.70 -22.66
N MET A 606 -18.95 9.76 -22.45
CA MET A 606 -19.16 11.14 -22.96
C MET A 606 -20.60 11.34 -23.45
N GLN B 4 28.66 20.21 22.53
CA GLN B 4 29.74 19.68 21.63
C GLN B 4 29.76 20.49 20.33
N VAL B 5 30.93 20.57 19.71
CA VAL B 5 31.30 21.57 18.67
C VAL B 5 30.72 21.16 17.30
N CYS B 6 30.52 19.87 17.02
CA CYS B 6 29.90 19.38 15.74
C CYS B 6 28.40 19.71 15.73
N ASP B 7 27.72 19.65 16.87
CA ASP B 7 26.28 20.05 16.97
C ASP B 7 26.19 21.56 16.76
N VAL B 8 27.04 22.33 17.45
CA VAL B 8 27.07 23.83 17.32
C VAL B 8 27.30 24.19 15.84
N PHE B 9 28.39 23.69 15.24
CA PHE B 9 28.86 24.14 13.90
C PHE B 9 28.34 23.21 12.77
N ASP B 10 27.64 22.12 13.09
CA ASP B 10 26.97 21.26 12.07
C ASP B 10 28.03 20.76 11.09
N ILE B 11 29.01 20.03 11.62
CA ILE B 11 30.14 19.46 10.84
C ILE B 11 29.74 18.02 10.49
N TYR B 12 29.52 17.77 9.20
CA TYR B 12 29.14 16.44 8.65
C TYR B 12 30.28 16.01 7.72
N ALA B 13 30.40 14.69 7.49
CA ALA B 13 31.26 14.07 6.48
C ALA B 13 30.38 13.53 5.37
N ILE B 14 30.82 13.60 4.11
CA ILE B 14 30.19 12.93 2.95
C ILE B 14 31.29 12.24 2.16
N CYS B 15 31.13 10.92 1.97
CA CYS B 15 32.10 10.00 1.33
C CYS B 15 31.35 8.97 0.48
N ALA B 16 32.01 8.44 -0.55
CA ALA B 16 31.59 7.29 -1.38
C ALA B 16 32.65 6.19 -1.21
N CYS B 17 32.29 5.01 -0.71
CA CYS B 17 33.25 3.90 -0.51
C CYS B 17 32.83 2.68 -1.34
N CYS B 18 33.74 2.23 -2.21
CA CYS B 18 33.62 0.97 -2.99
C CYS B 18 34.18 -0.16 -2.13
N LYS B 19 34.14 -1.38 -2.66
CA LYS B 19 34.77 -2.56 -2.03
C LYS B 19 36.18 -2.65 -2.60
N VAL B 20 37.05 -3.40 -1.95
CA VAL B 20 38.53 -3.44 -2.27
C VAL B 20 38.92 -4.89 -2.52
N GLU B 21 39.97 -5.13 -3.31
CA GLU B 21 40.47 -6.51 -3.63
C GLU B 21 41.05 -7.14 -2.35
N SER B 22 41.78 -8.25 -2.47
CA SER B 22 42.49 -8.93 -1.35
C SER B 22 43.99 -8.60 -1.41
N ASN B 29 34.24 -18.49 3.02
CA ASN B 29 32.90 -17.97 2.64
C ASN B 29 33.05 -16.50 2.17
N GLU B 30 33.92 -15.75 2.85
CA GLU B 30 34.00 -14.26 2.88
C GLU B 30 32.87 -13.74 3.77
N VAL B 31 33.22 -12.92 4.75
CA VAL B 31 32.28 -12.32 5.76
C VAL B 31 32.20 -10.83 5.46
N PHE B 32 31.01 -10.26 5.59
CA PHE B 32 30.72 -8.84 5.28
C PHE B 32 30.36 -8.10 6.58
N ASN B 33 30.57 -6.79 6.57
CA ASN B 33 30.30 -5.82 7.67
C ASN B 33 30.36 -4.43 7.04
N ASN B 34 30.07 -3.36 7.78
CA ASN B 34 30.12 -1.96 7.25
C ASN B 34 31.50 -1.72 6.60
N TYR B 35 32.57 -2.27 7.18
CA TYR B 35 33.99 -2.08 6.72
C TYR B 35 34.22 -2.69 5.32
N THR B 36 33.37 -3.61 4.87
CA THR B 36 33.33 -4.08 3.46
C THR B 36 33.43 -2.86 2.52
N PHE B 37 32.71 -1.78 2.83
CA PHE B 37 32.67 -0.56 2.00
C PHE B 37 33.65 0.45 2.62
N ARG B 38 34.84 0.61 2.02
CA ARG B 38 35.91 1.46 2.59
C ARG B 38 36.87 2.03 1.53
N GLY B 39 36.90 1.55 0.29
CA GLY B 39 37.75 2.13 -0.77
C GLY B 39 37.39 3.57 -1.06
N LEU B 40 38.33 4.52 -0.95
CA LEU B 40 38.12 5.97 -1.24
C LEU B 40 38.82 6.38 -2.54
N GLY B 41 40.11 6.04 -2.69
CA GLY B 41 40.98 6.60 -3.75
C GLY B 41 42.00 5.60 -4.28
N ASN B 42 42.47 5.83 -5.51
CA ASN B 42 43.60 5.07 -6.13
C ASN B 42 44.51 6.03 -6.89
N LYS B 43 45.79 6.02 -6.50
CA LYS B 43 46.92 6.86 -7.01
C LYS B 43 46.39 8.25 -7.39
N GLY B 44 45.94 9.01 -6.37
CA GLY B 44 45.62 10.43 -6.48
C GLY B 44 44.21 10.70 -6.97
N VAL B 45 43.50 9.68 -7.44
CA VAL B 45 42.18 9.89 -8.12
C VAL B 45 41.16 8.88 -7.57
N LEU B 46 39.92 8.97 -8.05
CA LEU B 46 38.80 8.07 -7.65
C LEU B 46 39.07 6.66 -8.16
N PRO B 47 38.72 5.60 -7.39
CA PRO B 47 39.02 4.22 -7.79
C PRO B 47 38.13 3.74 -8.94
N TRP B 48 37.01 4.43 -9.19
CA TRP B 48 36.00 4.05 -10.21
C TRP B 48 35.92 5.09 -11.30
N LYS B 49 35.51 4.63 -12.47
CA LYS B 49 35.46 5.35 -13.77
C LYS B 49 34.71 6.67 -13.60
N CYS B 50 33.48 6.64 -13.08
CA CYS B 50 32.51 7.78 -13.11
C CYS B 50 31.10 7.29 -12.76
N ILE B 51 30.62 7.58 -11.55
CA ILE B 51 29.29 7.10 -11.06
C ILE B 51 28.37 8.30 -10.87
N SER B 52 27.59 8.62 -11.91
CA SER B 52 26.88 9.90 -12.08
C SER B 52 25.77 10.07 -11.04
N LEU B 53 25.20 8.99 -10.48
CA LEU B 53 24.16 9.15 -9.42
C LEU B 53 24.82 9.58 -8.10
N ASP B 54 26.01 9.07 -7.78
CA ASP B 54 26.74 9.56 -6.59
C ASP B 54 27.09 11.04 -6.84
N MET B 55 27.63 11.38 -8.01
CA MET B 55 27.99 12.79 -8.41
C MET B 55 26.78 13.67 -8.14
N LYS B 56 25.60 13.22 -8.55
CA LYS B 56 24.34 14.01 -8.42
C LYS B 56 23.95 14.11 -6.95
N TYR B 57 24.13 13.06 -6.16
CA TYR B 57 23.72 13.07 -4.72
C TYR B 57 24.67 14.02 -3.96
N PHE B 58 25.96 13.95 -4.26
CA PHE B 58 27.02 14.85 -3.73
C PHE B 58 26.61 16.31 -3.93
N ARG B 59 26.41 16.73 -5.19
CA ARG B 59 26.00 18.10 -5.56
C ARG B 59 24.82 18.51 -4.68
N ALA B 60 23.70 17.78 -4.73
CA ALA B 60 22.44 18.17 -4.05
C ALA B 60 22.63 18.26 -2.52
N VAL B 61 23.37 17.33 -1.91
CA VAL B 61 23.65 17.29 -0.44
C VAL B 61 24.52 18.50 -0.02
N THR B 62 25.68 18.71 -0.66
CA THR B 62 26.64 19.77 -0.28
C THR B 62 26.18 21.15 -0.79
N THR B 63 25.11 21.22 -1.59
CA THR B 63 24.56 22.48 -2.17
C THR B 63 23.33 22.94 -1.37
N TYR B 64 22.48 22.01 -0.94
CA TYR B 64 21.18 22.33 -0.29
C TYR B 64 21.39 23.21 0.94
N VAL B 65 20.61 24.29 0.99
CA VAL B 65 20.53 25.22 2.16
C VAL B 65 19.06 25.52 2.39
N ASN B 66 18.68 25.64 3.65
CA ASN B 66 17.35 26.10 4.07
C ASN B 66 17.50 27.39 4.88
N GLU B 67 17.40 28.54 4.18
CA GLU B 67 17.51 29.91 4.72
C GLU B 67 16.53 30.09 5.90
N SER B 68 15.32 29.52 5.80
CA SER B 68 14.30 29.55 6.87
C SER B 68 14.77 28.87 8.16
N LYS B 69 15.88 28.12 8.13
CA LYS B 69 16.36 27.32 9.29
C LYS B 69 17.60 27.96 9.93
N TYR B 70 18.17 28.99 9.29
CA TYR B 70 19.52 29.50 9.61
C TYR B 70 19.47 30.34 10.90
N GLU B 71 18.38 31.09 11.11
CA GLU B 71 18.17 31.98 12.28
C GLU B 71 18.58 31.21 13.56
N LYS B 72 18.14 29.96 13.65
CA LYS B 72 18.33 29.06 14.83
C LYS B 72 19.80 28.63 14.94
N LEU B 73 20.45 28.36 13.80
CA LEU B 73 21.86 27.86 13.74
C LEU B 73 22.80 28.96 14.25
N LYS B 74 22.62 30.19 13.74
CA LYS B 74 23.46 31.37 14.09
C LYS B 74 23.23 31.77 15.57
N TYR B 75 22.00 31.71 16.10
CA TYR B 75 21.67 31.97 17.53
C TYR B 75 22.51 31.06 18.43
N LYS B 76 22.38 29.75 18.18
CA LYS B 76 23.19 28.66 18.76
C LYS B 76 24.69 29.01 18.65
N ARG B 77 25.14 29.39 17.45
CA ARG B 77 26.59 29.61 17.19
C ARG B 77 27.05 30.84 17.99
N CYS B 78 26.31 31.95 17.91
CA CYS B 78 26.54 33.20 18.69
C CYS B 78 26.51 32.88 20.20
N LYS B 79 25.42 32.36 20.75
CA LYS B 79 25.29 32.02 22.21
C LYS B 79 26.50 31.19 22.69
N TYR B 80 27.08 30.34 21.83
CA TYR B 80 28.24 29.46 22.16
C TYR B 80 29.56 30.23 22.09
N LEU B 81 29.61 31.31 21.29
CA LEU B 81 30.79 32.19 21.06
C LEU B 81 30.59 33.49 21.83
N ASN B 82 29.59 34.30 21.41
CA ASN B 82 29.07 35.58 21.99
C ASN B 82 28.65 36.56 20.87
N LYS B 83 27.42 37.08 20.94
CA LYS B 83 26.91 38.25 20.15
C LYS B 83 25.99 39.10 21.04
N LYS B 97 23.96 35.51 -0.14
CA LYS B 97 23.05 34.33 -0.23
C LYS B 97 23.68 33.17 0.55
N LEU B 98 22.90 32.52 1.42
CA LEU B 98 23.40 31.49 2.36
C LEU B 98 23.90 30.28 1.55
N GLN B 99 25.13 29.84 1.81
CA GLN B 99 25.76 28.65 1.20
C GLN B 99 26.25 27.74 2.32
N ASN B 100 26.63 26.52 1.99
CA ASN B 100 27.33 25.59 2.91
C ASN B 100 28.83 25.81 2.76
N VAL B 101 29.59 25.39 3.77
CA VAL B 101 31.07 25.24 3.70
C VAL B 101 31.43 23.81 3.31
N VAL B 102 32.48 23.66 2.52
CA VAL B 102 33.08 22.36 2.09
C VAL B 102 34.60 22.38 2.34
N VAL B 103 35.08 21.40 3.10
CA VAL B 103 36.48 21.23 3.61
C VAL B 103 37.13 20.03 2.89
N MET B 104 38.28 20.26 2.24
CA MET B 104 39.06 19.25 1.51
C MET B 104 40.54 19.28 1.96
N GLY B 105 41.19 18.12 2.01
CA GLY B 105 42.65 17.98 2.10
C GLY B 105 43.30 18.43 0.79
N ARG B 106 44.57 18.85 0.82
CA ARG B 106 45.26 19.43 -0.37
C ARG B 106 45.23 18.39 -1.49
N THR B 107 45.65 17.15 -1.21
CA THR B 107 45.63 16.01 -2.17
C THR B 107 44.24 15.95 -2.84
N ASN B 108 43.17 15.89 -2.04
CA ASN B 108 41.78 15.89 -2.52
C ASN B 108 41.58 17.09 -3.45
N TRP B 109 41.91 18.31 -2.98
CA TRP B 109 41.76 19.58 -3.76
C TRP B 109 42.50 19.48 -5.10
N GLU B 110 43.71 18.91 -5.13
CA GLU B 110 44.52 18.76 -6.37
C GLU B 110 43.70 17.98 -7.41
N SER B 111 43.18 16.80 -7.04
CA SER B 111 42.49 15.82 -7.92
C SER B 111 41.31 16.44 -8.67
N ILE B 112 40.73 17.53 -8.14
CA ILE B 112 39.49 18.18 -8.67
C ILE B 112 39.84 18.95 -9.95
N PRO B 113 39.12 18.72 -11.07
CA PRO B 113 39.44 19.36 -12.35
C PRO B 113 39.61 20.89 -12.36
N LYS B 114 38.63 21.63 -12.90
CA LYS B 114 38.86 22.93 -13.59
C LYS B 114 37.60 23.79 -13.52
N LYS B 115 36.58 23.46 -14.34
CA LYS B 115 35.28 24.19 -14.45
C LYS B 115 34.49 24.01 -13.15
N PHE B 116 34.78 22.96 -12.38
CA PHE B 116 34.14 22.62 -11.08
C PHE B 116 35.05 22.98 -9.90
N LYS B 117 36.23 23.56 -10.17
CA LYS B 117 37.40 23.55 -9.24
C LYS B 117 37.19 24.47 -8.04
N PRO B 118 36.82 25.76 -8.22
CA PRO B 118 36.24 26.53 -7.11
C PRO B 118 34.78 26.04 -7.03
N LEU B 119 34.52 25.06 -6.15
CA LEU B 119 33.23 24.31 -6.08
C LEU B 119 32.06 25.30 -6.01
N SER B 120 31.25 25.34 -7.07
CA SER B 120 30.05 26.19 -7.24
C SER B 120 29.27 26.33 -5.93
N ASN B 121 28.81 27.54 -5.62
CA ASN B 121 27.75 27.81 -4.61
C ASN B 121 28.16 27.31 -3.23
N ARG B 122 29.43 26.95 -3.03
CA ARG B 122 29.96 26.44 -1.73
C ARG B 122 31.23 27.21 -1.31
N ILE B 123 31.27 27.64 -0.06
CA ILE B 123 32.48 28.20 0.60
C ILE B 123 33.55 27.12 0.69
N ASN B 124 34.54 27.13 -0.22
CA ASN B 124 35.66 26.15 -0.30
C ASN B 124 36.74 26.48 0.73
N VAL B 125 36.88 25.64 1.75
CA VAL B 125 37.98 25.67 2.77
C VAL B 125 38.94 24.53 2.43
N ILE B 126 40.25 24.80 2.41
CA ILE B 126 41.30 23.78 2.12
C ILE B 126 42.25 23.71 3.32
N LEU B 127 42.33 22.54 3.93
CA LEU B 127 43.28 22.21 5.02
C LEU B 127 44.61 21.84 4.37
N SER B 128 45.65 22.67 4.53
CA SER B 128 47.03 22.42 4.01
C SER B 128 48.07 23.02 4.98
N ARG B 129 49.23 22.37 5.07
CA ARG B 129 50.42 22.87 5.81
C ARG B 129 51.43 23.46 4.82
N THR B 130 51.20 23.32 3.50
CA THR B 130 52.13 23.77 2.43
C THR B 130 51.58 25.02 1.74
N LEU B 131 50.34 24.97 1.25
CA LEU B 131 49.67 26.08 0.51
C LEU B 131 49.48 27.30 1.42
N LYS B 132 49.41 28.49 0.81
CA LYS B 132 48.59 29.66 1.27
C LYS B 132 48.45 30.67 0.11
N LYS B 133 47.55 31.66 0.26
CA LYS B 133 47.27 32.72 -0.73
C LYS B 133 46.11 33.58 -0.23
N ASP B 137 44.40 32.45 -3.86
CA ASP B 137 43.29 33.43 -4.03
C ASP B 137 42.60 33.67 -2.68
N GLU B 138 41.54 34.48 -2.67
CA GLU B 138 40.69 34.78 -1.47
C GLU B 138 39.23 34.72 -1.87
N ASP B 139 38.32 34.68 -0.88
CA ASP B 139 36.94 34.15 -0.98
C ASP B 139 37.01 32.62 -0.95
N VAL B 140 38.24 32.08 -0.90
CA VAL B 140 38.60 30.63 -0.89
C VAL B 140 39.66 30.45 0.19
N TYR B 141 39.30 29.82 1.31
CA TYR B 141 40.05 29.89 2.60
C TYR B 141 41.09 28.79 2.64
N ILE B 142 42.20 29.01 3.34
CA ILE B 142 43.24 27.98 3.64
C ILE B 142 43.49 27.99 5.15
N ILE B 143 43.72 26.80 5.72
CA ILE B 143 43.81 26.61 7.20
C ILE B 143 44.91 25.58 7.48
N ASN B 144 45.71 25.85 8.51
CA ASN B 144 47.01 25.20 8.81
C ASN B 144 46.79 24.04 9.77
N LYS B 145 45.58 23.98 10.34
CA LYS B 145 45.24 23.10 11.50
C LYS B 145 43.71 22.94 11.51
N VAL B 146 43.22 21.85 12.08
CA VAL B 146 41.77 21.60 12.28
C VAL B 146 41.20 22.78 13.09
N GLU B 147 41.79 23.08 14.25
CA GLU B 147 41.29 24.08 15.23
C GLU B 147 40.93 25.38 14.51
N ASP B 148 41.68 25.72 13.44
CA ASP B 148 41.53 26.95 12.63
C ASP B 148 40.31 26.86 11.69
N LEU B 149 39.59 25.73 11.68
CA LEU B 149 38.28 25.64 10.97
C LEU B 149 37.18 26.18 11.90
N ILE B 150 37.17 25.76 13.16
CA ILE B 150 36.13 26.15 14.16
C ILE B 150 36.21 27.68 14.33
N VAL B 151 37.41 28.25 14.24
CA VAL B 151 37.63 29.72 14.30
C VAL B 151 36.92 30.34 13.08
N LEU B 152 37.16 29.82 11.86
CA LEU B 152 36.64 30.39 10.58
C LEU B 152 35.12 30.22 10.51
N LEU B 153 34.61 29.06 10.99
CA LEU B 153 33.16 28.76 11.08
C LEU B 153 32.51 29.84 11.96
N GLY B 154 33.14 30.11 13.10
CA GLY B 154 32.69 31.09 14.12
C GLY B 154 32.51 32.48 13.53
N LYS B 155 33.18 32.80 12.41
CA LYS B 155 33.20 34.15 11.79
C LYS B 155 32.44 34.20 10.46
N LEU B 156 31.84 33.08 10.00
CA LEU B 156 31.12 33.00 8.71
C LEU B 156 29.63 32.83 8.96
N ASN B 157 28.81 33.31 8.02
CA ASN B 157 27.42 32.87 7.76
C ASN B 157 27.46 31.72 6.75
N TYR B 158 27.10 30.53 7.19
CA TYR B 158 26.98 29.29 6.38
C TYR B 158 25.81 28.49 6.95
N TYR B 159 25.25 27.56 6.19
CA TYR B 159 24.16 26.65 6.65
C TYR B 159 24.77 25.46 7.40
N LYS B 160 25.56 24.63 6.70
CA LYS B 160 26.22 23.43 7.28
C LYS B 160 27.65 23.31 6.74
N CYS B 161 28.48 22.54 7.45
CA CYS B 161 29.90 22.28 7.06
C CYS B 161 30.07 20.80 6.67
N PHE B 162 30.45 20.54 5.42
CA PHE B 162 30.64 19.16 4.89
C PHE B 162 32.14 18.91 4.72
N ILE B 163 32.66 17.88 5.38
CA ILE B 163 34.04 17.36 5.16
C ILE B 163 34.04 16.40 3.95
N LEU B 164 34.66 16.83 2.86
CA LEU B 164 34.73 16.11 1.57
C LEU B 164 35.89 15.12 1.61
N GLY B 165 36.67 15.17 2.70
CA GLY B 165 37.73 14.23 3.08
C GLY B 165 39.00 14.37 2.26
N GLY B 166 39.38 13.22 1.69
CA GLY B 166 40.71 12.64 1.75
C GLY B 166 40.80 11.76 2.97
N SER B 167 41.40 10.58 2.84
CA SER B 167 41.50 9.61 3.97
C SER B 167 41.98 10.36 5.22
N VAL B 168 43.04 11.15 5.11
CA VAL B 168 43.70 11.77 6.28
C VAL B 168 42.69 12.72 6.96
N VAL B 169 42.13 13.66 6.17
CA VAL B 169 41.07 14.62 6.59
C VAL B 169 39.97 13.86 7.35
N TYR B 170 39.39 12.80 6.76
CA TYR B 170 38.38 11.93 7.43
C TYR B 170 38.98 11.39 8.73
N GLN B 171 40.15 10.77 8.64
CA GLN B 171 40.80 10.09 9.80
C GLN B 171 40.82 11.07 10.98
N GLU B 172 41.27 12.31 10.76
CA GLU B 172 41.57 13.27 11.87
C GLU B 172 40.26 13.87 12.42
N PHE B 173 39.30 14.24 11.56
CA PHE B 173 37.98 14.80 11.99
C PHE B 173 37.19 13.78 12.81
N LEU B 174 37.28 12.48 12.48
CA LEU B 174 36.54 11.40 13.19
C LEU B 174 37.23 11.12 14.53
N GLU B 175 38.57 11.14 14.52
CA GLU B 175 39.40 10.99 15.74
C GLU B 175 38.96 12.04 16.78
N LYS B 176 38.80 13.30 16.35
CA LYS B 176 38.51 14.47 17.24
C LYS B 176 37.01 14.58 17.57
N LYS B 177 36.17 13.65 17.08
CA LYS B 177 34.72 13.59 17.38
C LYS B 177 34.01 14.86 16.88
N LEU B 178 34.53 15.46 15.80
CA LEU B 178 33.97 16.69 15.14
C LEU B 178 32.97 16.36 14.02
N ILE B 179 32.40 15.15 14.00
CA ILE B 179 31.41 14.75 12.94
C ILE B 179 30.08 14.39 13.60
N LYS B 180 29.00 15.04 13.14
CA LYS B 180 27.62 14.89 13.64
C LYS B 180 26.93 13.75 12.85
N LYS B 181 27.08 13.74 11.52
CA LYS B 181 26.64 12.60 10.66
C LYS B 181 27.62 12.31 9.52
N ILE B 182 27.70 11.03 9.12
CA ILE B 182 28.35 10.57 7.85
C ILE B 182 27.24 10.21 6.86
N TYR B 183 27.19 10.95 5.74
CA TYR B 183 26.48 10.65 4.48
C TYR B 183 27.40 9.77 3.65
N PHE B 184 27.16 8.46 3.71
CA PHE B 184 28.03 7.38 3.20
C PHE B 184 27.35 6.70 2.01
N THR B 185 27.93 6.87 0.82
CA THR B 185 27.50 6.16 -0.41
C THR B 185 28.18 4.78 -0.42
N ARG B 186 27.40 3.71 -0.50
CA ARG B 186 27.93 2.32 -0.62
C ARG B 186 27.91 1.95 -2.10
N ILE B 187 29.09 1.98 -2.71
CA ILE B 187 29.30 1.66 -4.15
C ILE B 187 29.52 0.17 -4.19
N ASN B 188 28.53 -0.60 -4.69
CA ASN B 188 28.57 -2.09 -4.58
C ASN B 188 29.31 -2.71 -5.78
N SER B 189 30.63 -2.46 -5.87
CA SER B 189 31.57 -3.11 -6.82
C SER B 189 33.00 -2.92 -6.29
N THR B 190 33.96 -3.67 -6.84
CA THR B 190 35.34 -3.83 -6.33
C THR B 190 36.30 -3.07 -7.24
N TYR B 191 37.15 -2.22 -6.68
CA TYR B 191 38.17 -1.49 -7.47
C TYR B 191 39.50 -1.57 -6.72
N GLU B 192 40.58 -1.31 -7.46
CA GLU B 192 41.95 -1.18 -6.89
C GLU B 192 41.95 0.13 -6.09
N CYS B 193 42.34 0.10 -4.80
CA CYS B 193 42.33 1.27 -3.88
C CYS B 193 43.65 1.43 -3.08
N ASP B 194 44.15 2.68 -2.96
CA ASP B 194 45.34 3.11 -2.17
C ASP B 194 44.98 3.55 -0.76
N VAL B 195 43.84 4.25 -0.64
CA VAL B 195 43.43 4.98 0.60
C VAL B 195 42.00 4.56 0.93
N PHE B 196 41.76 4.39 2.23
CA PHE B 196 40.58 3.74 2.80
C PHE B 196 39.93 4.73 3.78
N PHE B 197 38.60 4.69 3.86
CA PHE B 197 37.84 5.39 4.93
C PHE B 197 38.20 4.70 6.24
N PRO B 198 38.34 5.45 7.35
CA PRO B 198 38.61 4.82 8.64
C PRO B 198 37.45 3.91 9.06
N GLU B 199 37.71 2.95 9.94
CA GLU B 199 36.70 2.00 10.47
C GLU B 199 35.80 2.75 11.44
N ILE B 200 34.57 3.04 11.05
CA ILE B 200 33.57 3.72 11.93
C ILE B 200 33.27 2.76 13.08
N ASN B 201 33.48 3.19 14.33
CA ASN B 201 33.10 2.38 15.52
C ASN B 201 31.59 2.45 15.71
N GLU B 202 30.92 1.29 15.75
CA GLU B 202 29.46 1.14 15.88
C GLU B 202 28.98 1.64 17.25
N ASN B 203 29.91 1.83 18.19
CA ASN B 203 29.65 2.38 19.55
C ASN B 203 29.65 3.91 19.54
N GLU B 204 30.33 4.53 18.56
CA GLU B 204 30.39 6.02 18.39
C GLU B 204 29.31 6.50 17.41
N TYR B 205 29.07 5.77 16.31
CA TYR B 205 28.09 6.14 15.25
C TYR B 205 27.12 4.99 15.01
N GLN B 206 25.87 5.33 14.70
CA GLN B 206 24.84 4.36 14.28
C GLN B 206 24.16 4.80 12.98
N ILE B 207 23.78 3.83 12.14
CA ILE B 207 22.99 4.06 10.90
C ILE B 207 21.56 4.34 11.33
N ILE B 208 20.97 5.45 10.87
CA ILE B 208 19.55 5.81 11.19
C ILE B 208 18.70 5.75 9.91
N SER B 209 19.32 5.69 8.73
CA SER B 209 18.61 5.78 7.44
C SER B 209 19.34 5.08 6.31
N VAL B 210 18.55 4.48 5.42
CA VAL B 210 19.03 3.73 4.22
C VAL B 210 18.15 4.14 3.05
N SER B 211 18.75 4.41 1.90
CA SER B 211 18.00 4.84 0.68
C SER B 211 17.44 3.62 -0.03
N ASP B 212 16.65 3.89 -1.06
CA ASP B 212 16.45 3.00 -2.23
C ASP B 212 17.79 2.54 -2.81
N VAL B 213 17.76 1.38 -3.45
CA VAL B 213 18.92 0.85 -4.22
C VAL B 213 18.75 1.28 -5.65
N TYR B 214 19.87 1.62 -6.28
CA TYR B 214 19.96 2.18 -7.65
C TYR B 214 21.05 1.45 -8.43
N THR B 215 20.92 1.52 -9.75
CA THR B 215 21.98 1.13 -10.72
C THR B 215 22.47 2.44 -11.35
N SER B 216 23.75 2.74 -11.24
CA SER B 216 24.41 3.84 -12.02
C SER B 216 25.70 3.28 -12.60
N ASN B 217 25.88 3.40 -13.92
CA ASN B 217 27.15 3.07 -14.63
C ASN B 217 27.64 1.67 -14.22
N ASN B 218 26.77 0.68 -14.34
CA ASN B 218 27.10 -0.77 -14.26
C ASN B 218 27.47 -1.17 -12.83
N THR B 219 27.03 -0.43 -11.81
CA THR B 219 27.13 -0.84 -10.38
C THR B 219 25.81 -0.47 -9.71
N THR B 220 25.39 -1.29 -8.74
CA THR B 220 24.35 -0.89 -7.77
C THR B 220 25.04 -0.07 -6.68
N LEU B 221 24.25 0.74 -5.98
CA LEU B 221 24.73 1.61 -4.89
C LEU B 221 23.52 1.99 -4.06
N ASP B 222 23.76 2.36 -2.81
CA ASP B 222 22.76 3.05 -1.97
C ASP B 222 23.47 4.09 -1.08
N PHE B 223 22.66 4.83 -0.34
CA PHE B 223 23.03 6.00 0.48
C PHE B 223 22.54 5.75 1.89
N ILE B 224 23.47 5.69 2.84
CA ILE B 224 23.14 5.45 4.27
C ILE B 224 23.62 6.67 5.07
N ILE B 225 22.98 6.88 6.23
CA ILE B 225 23.33 8.01 7.13
C ILE B 225 23.68 7.44 8.50
N TYR B 226 24.94 7.61 8.91
CA TYR B 226 25.37 7.39 10.31
C TYR B 226 25.13 8.69 11.09
N LYS B 227 24.59 8.63 12.32
CA LYS B 227 24.63 9.78 13.27
C LYS B 227 25.53 9.43 14.47
N LYS B 228 26.23 10.44 15.00
CA LYS B 228 26.92 10.38 16.33
C LYS B 228 25.87 10.00 17.37
N THR B 229 26.14 9.00 18.18
CA THR B 229 25.17 8.43 19.15
C THR B 229 25.20 9.26 20.45
N ASN B 230 24.34 8.91 21.40
CA ASN B 230 24.23 9.55 22.75
C ASN B 230 24.98 8.69 23.77
N ASN B 231 26.31 8.80 23.81
CA ASN B 231 27.21 8.07 24.73
C ASN B 231 28.37 8.99 25.14
N ASP B 283 -1.49 27.63 10.66
CA ASP B 283 -1.94 26.69 9.58
C ASP B 283 -1.24 25.34 9.77
N ASP B 284 -1.24 24.81 11.00
CA ASP B 284 -1.00 23.39 11.33
C ASP B 284 -2.23 22.84 12.06
N GLU B 285 -3.37 23.52 11.90
CA GLU B 285 -4.66 23.27 12.63
C GLU B 285 -5.22 21.92 12.20
N GLU B 286 -4.73 21.41 11.08
CA GLU B 286 -5.04 20.06 10.54
C GLU B 286 -4.30 18.99 11.34
N GLU B 287 -3.40 19.35 12.26
CA GLU B 287 -2.72 18.37 13.16
C GLU B 287 -3.73 17.82 14.17
N ASP B 288 -4.63 18.65 14.72
CA ASP B 288 -5.65 18.13 15.67
C ASP B 288 -6.63 17.23 14.88
N ASP B 289 -7.01 17.61 13.66
CA ASP B 289 -7.92 16.83 12.80
C ASP B 289 -7.38 15.40 12.65
N PHE B 290 -6.06 15.24 12.48
CA PHE B 290 -5.42 13.91 12.39
C PHE B 290 -5.77 13.06 13.61
N VAL B 291 -5.73 13.67 14.80
CA VAL B 291 -5.94 13.00 16.12
C VAL B 291 -7.39 12.54 16.23
N TYR B 292 -8.34 13.40 15.85
CA TYR B 292 -9.80 13.15 15.90
C TYR B 292 -10.17 11.94 15.04
N PHE B 293 -9.62 11.86 13.82
CA PHE B 293 -9.92 10.79 12.84
C PHE B 293 -9.28 9.46 13.31
N ASN B 294 -8.43 9.52 14.34
CA ASN B 294 -7.75 8.35 14.95
C ASN B 294 -8.43 7.95 16.26
N PHE B 295 -9.59 8.50 16.59
CA PHE B 295 -10.28 8.27 17.88
C PHE B 295 -10.66 6.80 18.11
N ASN B 296 -10.59 5.94 17.10
CA ASN B 296 -11.01 4.52 17.26
C ASN B 296 -9.81 3.57 17.20
N LYS B 297 -8.58 4.09 17.10
CA LYS B 297 -7.32 3.31 17.06
C LYS B 297 -6.83 3.09 18.48
N ASN B 305 0.17 -8.71 19.91
CA ASN B 305 0.97 -9.96 19.92
C ASN B 305 2.19 -9.82 20.85
N SER B 306 2.46 -10.85 21.68
CA SER B 306 3.46 -10.90 22.78
C SER B 306 4.90 -10.93 22.23
N ILE B 307 5.13 -10.20 21.15
CA ILE B 307 6.48 -9.90 20.60
C ILE B 307 6.98 -8.72 21.45
N HIS B 308 8.28 -8.60 21.70
CA HIS B 308 8.85 -7.47 22.49
C HIS B 308 9.57 -6.48 21.58
N PRO B 309 8.83 -5.50 20.99
CA PRO B 309 9.42 -4.46 20.13
C PRO B 309 10.82 -3.96 20.51
N ASN B 310 11.08 -3.79 21.81
CA ASN B 310 12.39 -3.44 22.42
C ASN B 310 13.49 -4.36 21.88
N ASP B 311 13.15 -5.60 21.50
CA ASP B 311 14.06 -6.55 20.80
C ASP B 311 14.25 -6.19 19.31
N PHE B 312 13.38 -5.37 18.71
CA PHE B 312 13.59 -4.76 17.36
C PHE B 312 14.19 -3.35 17.48
N GLN B 313 15.25 -3.19 18.29
CA GLN B 313 15.74 -1.85 18.67
C GLN B 313 16.30 -1.15 17.42
N ILE B 314 17.20 -1.81 16.68
CA ILE B 314 17.82 -1.21 15.46
C ILE B 314 16.71 -0.93 14.44
N TYR B 315 15.75 -1.85 14.28
CA TYR B 315 14.65 -1.73 13.30
C TYR B 315 13.80 -0.48 13.61
N ASN B 316 13.36 -0.32 14.86
CA ASN B 316 12.44 0.76 15.30
C ASN B 316 13.17 2.10 15.33
N SER B 317 14.48 2.10 15.53
CA SER B 317 15.27 3.34 15.67
C SER B 317 15.43 3.98 14.28
N LEU B 318 15.55 3.18 13.20
CA LEU B 318 15.81 3.72 11.84
C LEU B 318 14.73 4.76 11.53
N LYS B 319 15.08 5.87 10.87
CA LYS B 319 14.11 6.93 10.53
C LYS B 319 13.58 6.68 9.11
N TYR B 320 14.47 6.49 8.13
CA TYR B 320 14.17 6.27 6.71
C TYR B 320 14.61 4.85 6.30
N LYS B 321 13.62 3.99 6.08
CA LYS B 321 13.83 2.58 5.68
C LYS B 321 13.35 2.41 4.24
N TYR B 322 14.07 3.00 3.29
CA TYR B 322 13.67 3.06 1.87
C TYR B 322 14.33 1.92 1.09
N HIS B 323 15.28 1.19 1.66
CA HIS B 323 15.88 0.02 0.97
C HIS B 323 14.75 -0.95 0.62
N PRO B 324 14.62 -1.46 -0.64
CA PRO B 324 13.47 -2.27 -1.00
C PRO B 324 13.38 -3.56 -0.18
N GLU B 325 14.44 -3.98 0.50
CA GLU B 325 14.38 -5.19 1.37
C GLU B 325 13.41 -4.95 2.51
N TYR B 326 13.11 -3.68 2.85
CA TYR B 326 12.12 -3.31 3.88
C TYR B 326 10.72 -3.72 3.44
N GLN B 327 10.46 -3.87 2.15
CA GLN B 327 9.13 -4.40 1.78
C GLN B 327 8.92 -5.79 2.38
N TYR B 328 9.95 -6.64 2.38
CA TYR B 328 9.87 -7.98 3.02
C TYR B 328 9.88 -7.85 4.55
N LEU B 329 10.83 -7.12 5.11
CA LEU B 329 11.04 -6.99 6.58
C LEU B 329 9.81 -6.36 7.23
N ASN B 330 9.21 -5.36 6.58
CA ASN B 330 8.04 -4.65 7.16
C ASN B 330 6.86 -5.61 7.22
N ILE B 331 6.73 -6.51 6.26
CA ILE B 331 5.63 -7.51 6.29
C ILE B 331 5.87 -8.47 7.47
N ILE B 332 7.09 -8.96 7.64
CA ILE B 332 7.49 -9.77 8.84
C ILE B 332 7.04 -9.00 10.11
N TYR B 333 7.39 -7.71 10.21
CA TYR B 333 7.08 -6.89 11.42
C TYR B 333 5.56 -6.81 11.59
N ASP B 334 4.83 -6.58 10.50
CA ASP B 334 3.35 -6.45 10.55
C ASP B 334 2.70 -7.76 11.01
N ILE B 335 3.15 -8.92 10.52
CA ILE B 335 2.58 -10.24 10.94
C ILE B 335 2.95 -10.50 12.41
N MET B 336 4.20 -10.29 12.81
CA MET B 336 4.58 -10.48 14.24
C MET B 336 3.72 -9.58 15.13
N MET B 337 3.50 -8.32 14.76
CA MET B 337 2.86 -7.33 15.68
C MET B 337 1.34 -7.49 15.66
N ASN B 338 0.74 -7.82 14.52
CA ASN B 338 -0.72 -7.74 14.31
C ASN B 338 -1.28 -9.05 13.78
N GLY B 339 -0.43 -10.05 13.53
CA GLY B 339 -0.86 -11.33 12.92
C GLY B 339 -1.83 -12.08 13.81
N ASN B 340 -2.65 -12.94 13.18
CA ASN B 340 -3.64 -13.82 13.86
C ASN B 340 -2.97 -15.14 14.22
N LYS B 341 -3.10 -15.54 15.49
CA LYS B 341 -2.67 -16.84 16.03
C LYS B 341 -3.56 -17.96 15.47
N GLN B 342 -2.97 -18.88 14.74
CA GLN B 342 -3.67 -20.03 14.11
C GLN B 342 -2.80 -21.28 14.29
N SER B 343 -3.44 -22.43 14.44
CA SER B 343 -2.78 -23.76 14.49
C SER B 343 -2.53 -24.24 13.06
N ASP B 344 -1.72 -25.27 12.91
CA ASP B 344 -1.21 -25.75 11.60
C ASP B 344 -1.53 -27.25 11.50
N ARG B 345 -1.29 -27.85 10.33
CA ARG B 345 -1.44 -29.32 10.12
C ARG B 345 -0.83 -30.05 11.32
N THR B 346 0.46 -29.83 11.59
CA THR B 346 1.25 -30.52 12.66
C THR B 346 0.85 -30.00 14.05
N GLY B 347 0.34 -28.77 14.12
CA GLY B 347 0.18 -27.98 15.35
C GLY B 347 1.40 -27.12 15.57
N VAL B 348 2.08 -26.73 14.48
CA VAL B 348 3.34 -25.93 14.56
C VAL B 348 2.96 -24.55 15.10
N GLY B 349 1.82 -24.03 14.69
CA GLY B 349 1.40 -22.65 15.03
C GLY B 349 2.04 -21.62 14.09
N VAL B 350 1.23 -20.67 13.60
CA VAL B 350 1.67 -19.56 12.73
C VAL B 350 1.06 -18.30 13.31
N LEU B 351 1.62 -17.18 12.94
CA LEU B 351 0.91 -15.89 12.88
C LEU B 351 0.59 -15.66 11.41
N SER B 352 -0.64 -15.27 11.11
CA SER B 352 -1.10 -15.13 9.71
C SER B 352 -1.82 -13.78 9.48
N LYS B 353 -1.63 -13.24 8.28
CA LYS B 353 -2.45 -12.16 7.72
C LYS B 353 -2.76 -12.49 6.26
N PHE B 354 -3.61 -11.72 5.60
CA PHE B 354 -4.19 -12.04 4.28
C PHE B 354 -4.06 -10.80 3.35
N GLY B 355 -3.30 -10.93 2.26
CA GLY B 355 -3.24 -9.92 1.19
C GLY B 355 -2.17 -8.88 1.43
N TYR B 356 -1.01 -9.04 0.80
CA TYR B 356 0.05 -8.01 0.69
C TYR B 356 0.53 -7.97 -0.76
N ILE B 357 1.17 -6.87 -1.15
CA ILE B 357 1.89 -6.70 -2.44
C ILE B 357 3.30 -6.21 -2.12
N MET B 358 4.32 -6.79 -2.76
CA MET B 358 5.68 -6.23 -2.79
C MET B 358 6.00 -5.96 -4.26
N LYS B 359 6.80 -4.93 -4.54
CA LYS B 359 7.26 -4.59 -5.91
C LYS B 359 8.75 -4.35 -5.83
N PHE B 360 9.47 -4.96 -6.74
CA PHE B 360 10.94 -4.90 -6.82
C PHE B 360 11.23 -4.43 -8.23
N ASP B 361 12.16 -3.48 -8.33
CA ASP B 361 12.52 -2.85 -9.60
C ASP B 361 13.72 -3.61 -10.15
N LEU B 362 13.48 -4.56 -11.07
CA LEU B 362 14.56 -5.41 -11.64
C LEU B 362 15.50 -4.58 -12.56
N SER B 363 15.12 -3.38 -13.02
CA SER B 363 16.03 -2.47 -13.76
C SER B 363 17.11 -1.93 -12.84
N GLN B 364 16.87 -1.83 -11.53
CA GLN B 364 17.83 -1.17 -10.59
C GLN B 364 18.64 -2.18 -9.77
N TYR B 365 18.15 -3.40 -9.56
CA TYR B 365 18.84 -4.42 -8.71
C TYR B 365 18.21 -5.80 -8.90
N PHE B 366 18.90 -6.83 -8.43
CA PHE B 366 18.31 -8.19 -8.25
C PHE B 366 17.97 -8.36 -6.78
N PRO B 367 16.68 -8.53 -6.37
CA PRO B 367 16.31 -8.45 -4.95
C PRO B 367 16.58 -9.75 -4.17
N LEU B 368 17.85 -10.11 -4.05
CA LEU B 368 18.29 -11.27 -3.25
C LEU B 368 18.54 -10.79 -1.83
N LEU B 369 17.77 -11.27 -0.85
CA LEU B 369 17.86 -10.76 0.53
C LEU B 369 19.32 -10.74 0.94
N THR B 370 19.70 -9.66 1.65
CA THR B 370 21.05 -9.42 2.19
C THR B 370 21.06 -9.56 3.72
N THR B 371 19.90 -9.55 4.38
CA THR B 371 19.84 -9.66 5.87
C THR B 371 20.03 -11.10 6.32
N LYS B 372 20.26 -12.04 5.40
CA LYS B 372 20.79 -13.40 5.73
C LYS B 372 21.37 -14.00 4.44
N LYS B 373 22.10 -15.11 4.54
CA LYS B 373 22.74 -15.73 3.34
C LYS B 373 21.67 -16.55 2.62
N LEU B 374 21.55 -16.38 1.31
CA LEU B 374 20.64 -17.19 0.45
C LEU B 374 21.46 -17.81 -0.67
N PHE B 375 21.17 -19.09 -0.98
CA PHE B 375 21.75 -19.91 -2.07
C PHE B 375 20.74 -20.04 -3.22
N LEU B 376 21.21 -19.97 -4.47
CA LEU B 376 20.32 -19.98 -5.68
C LEU B 376 20.51 -21.22 -6.59
N ARG B 377 21.56 -22.04 -6.49
CA ARG B 377 21.74 -23.16 -7.48
C ARG B 377 20.46 -24.02 -7.53
N GLY B 378 19.96 -24.43 -6.36
CA GLY B 378 18.71 -25.21 -6.23
C GLY B 378 17.55 -24.54 -6.95
N ILE B 379 17.30 -23.27 -6.61
CA ILE B 379 16.22 -22.40 -7.17
C ILE B 379 16.30 -22.39 -8.71
N ILE B 380 17.49 -22.28 -9.27
CA ILE B 380 17.66 -22.17 -10.76
C ILE B 380 17.39 -23.55 -11.38
N GLU B 381 17.96 -24.60 -10.82
CA GLU B 381 17.68 -26.00 -11.27
C GLU B 381 16.17 -26.28 -11.18
N GLU B 382 15.50 -25.82 -10.14
CA GLU B 382 14.03 -26.04 -10.05
C GLU B 382 13.34 -25.42 -11.27
N LEU B 383 13.64 -24.15 -11.57
CA LEU B 383 13.06 -23.38 -12.71
C LEU B 383 13.36 -24.05 -14.05
N LEU B 384 14.59 -24.50 -14.27
CA LEU B 384 14.99 -25.21 -15.51
C LEU B 384 14.17 -26.51 -15.63
N TRP B 385 13.93 -27.17 -14.49
CA TRP B 385 13.14 -28.43 -14.41
C TRP B 385 11.68 -28.15 -14.80
N PHE B 386 11.06 -27.11 -14.21
CA PHE B 386 9.74 -26.58 -14.64
C PHE B 386 9.72 -26.36 -16.16
N ILE B 387 10.69 -25.63 -16.68
CA ILE B 387 10.70 -25.20 -18.11
C ILE B 387 10.77 -26.42 -19.02
N ARG B 388 11.49 -27.49 -18.65
CA ARG B 388 11.47 -28.74 -19.47
C ARG B 388 10.14 -29.48 -19.29
N GLY B 389 9.31 -29.07 -18.32
CA GLY B 389 8.00 -29.70 -18.10
C GLY B 389 8.14 -31.01 -17.33
N GLU B 390 9.23 -31.19 -16.60
CA GLU B 390 9.49 -32.43 -15.84
C GLU B 390 8.58 -32.50 -14.60
N THR B 391 8.28 -33.73 -14.19
CA THR B 391 7.56 -34.04 -12.94
C THR B 391 8.35 -35.09 -12.13
N ASN B 392 9.57 -35.40 -12.55
CA ASN B 392 10.39 -36.51 -12.04
C ASN B 392 11.27 -35.94 -10.94
N GLY B 393 10.87 -36.10 -9.68
CA GLY B 393 11.66 -35.64 -8.53
C GLY B 393 13.10 -36.13 -8.54
N ASN B 394 13.40 -37.30 -9.15
CA ASN B 394 14.76 -37.93 -9.15
C ASN B 394 15.74 -37.09 -9.96
N THR B 395 15.30 -36.48 -11.06
CA THR B 395 16.13 -35.49 -11.76
C THR B 395 16.70 -34.47 -10.76
N LEU B 396 15.89 -33.92 -9.85
CA LEU B 396 16.40 -32.91 -8.87
C LEU B 396 17.30 -33.59 -7.82
N LEU B 397 16.86 -34.71 -7.25
CA LEU B 397 17.59 -35.43 -6.16
C LEU B 397 18.97 -35.85 -6.69
N ASN B 398 19.10 -36.25 -7.95
CA ASN B 398 20.42 -36.66 -8.50
C ASN B 398 21.39 -35.47 -8.58
N LYS B 399 20.89 -34.24 -8.65
CA LYS B 399 21.68 -32.98 -8.62
C LYS B 399 21.74 -32.39 -7.21
N ASN B 400 21.31 -33.16 -6.22
CA ASN B 400 21.29 -32.75 -4.80
C ASN B 400 20.45 -31.49 -4.63
N VAL B 401 19.36 -31.37 -5.38
CA VAL B 401 18.30 -30.35 -5.13
C VAL B 401 17.13 -31.03 -4.45
N ARG B 402 16.89 -30.69 -3.17
CA ARG B 402 16.09 -31.50 -2.22
C ARG B 402 14.79 -30.78 -1.81
N ILE B 403 14.40 -29.75 -2.57
CA ILE B 403 13.23 -28.86 -2.37
C ILE B 403 11.97 -29.71 -2.36
N TRP B 404 11.85 -30.66 -3.31
CA TRP B 404 10.68 -31.56 -3.46
C TRP B 404 10.85 -32.94 -2.81
N GLU B 405 11.94 -33.24 -2.11
CA GLU B 405 12.18 -34.61 -1.55
C GLU B 405 11.07 -35.05 -0.57
N ALA B 406 10.70 -34.25 0.42
CA ALA B 406 9.68 -34.59 1.42
C ALA B 406 8.35 -34.86 0.71
N ASN B 407 8.10 -34.23 -0.44
CA ASN B 407 6.78 -34.28 -1.12
C ASN B 407 6.67 -35.52 -1.99
N GLY B 408 7.72 -36.32 -2.13
CA GLY B 408 7.72 -37.51 -3.00
C GLY B 408 7.97 -38.82 -2.28
N THR B 409 8.08 -38.81 -0.95
CA THR B 409 8.29 -40.06 -0.17
C THR B 409 7.03 -40.94 -0.28
N ARG B 410 7.15 -42.26 -0.11
CA ARG B 410 6.03 -43.22 -0.02
C ARG B 410 5.00 -42.67 0.97
N GLU B 411 5.45 -42.28 2.17
CA GLU B 411 4.57 -41.85 3.28
C GLU B 411 3.79 -40.59 2.86
N PHE B 412 4.48 -39.59 2.30
CA PHE B 412 3.84 -38.34 1.85
C PHE B 412 2.77 -38.66 0.78
N LEU B 413 3.10 -39.51 -0.19
CA LEU B 413 2.12 -39.77 -1.30
C LEU B 413 0.96 -40.61 -0.76
N ASP B 414 1.26 -41.60 0.08
CA ASP B 414 0.21 -42.45 0.72
C ASP B 414 -0.72 -41.56 1.54
N ASN B 415 -0.19 -40.61 2.32
CA ASN B 415 -1.00 -39.66 3.13
C ASN B 415 -1.94 -38.87 2.21
N ARG B 416 -1.47 -38.60 1.00
CA ARG B 416 -2.16 -37.84 -0.07
C ARG B 416 -3.12 -38.77 -0.84
N LYS B 417 -3.24 -40.04 -0.47
CA LYS B 417 -4.10 -41.08 -1.14
C LYS B 417 -3.57 -41.34 -2.56
N LEU B 418 -2.29 -41.10 -2.79
CA LEU B 418 -1.64 -41.41 -4.08
C LEU B 418 -0.91 -42.76 -3.94
N PHE B 419 -1.68 -43.79 -3.56
CA PHE B 419 -1.20 -45.19 -3.34
C PHE B 419 -0.60 -45.77 -4.62
N HIS B 420 -1.04 -45.31 -5.80
CA HIS B 420 -0.62 -45.87 -7.12
C HIS B 420 0.42 -44.97 -7.77
N ARG B 421 1.08 -44.10 -7.01
CA ARG B 421 2.10 -43.17 -7.53
C ARG B 421 3.49 -43.66 -7.12
N GLU B 422 4.43 -43.76 -8.07
CA GLU B 422 5.85 -44.11 -7.75
C GLU B 422 6.48 -43.01 -6.87
N VAL B 423 7.36 -43.40 -5.96
CA VAL B 423 8.19 -42.47 -5.12
C VAL B 423 8.82 -41.44 -6.06
N ASN B 424 8.76 -40.16 -5.68
CA ASN B 424 9.33 -39.00 -6.41
C ASN B 424 8.59 -38.74 -7.73
N ASP B 425 7.45 -39.40 -8.00
CA ASP B 425 6.55 -39.01 -9.11
C ASP B 425 5.54 -38.03 -8.53
N LEU B 426 5.80 -36.75 -8.73
CA LEU B 426 5.10 -35.61 -8.08
C LEU B 426 3.75 -35.37 -8.78
N GLY B 427 3.51 -36.06 -9.89
CA GLY B 427 2.24 -35.92 -10.63
C GLY B 427 2.22 -34.65 -11.48
N PRO B 428 1.05 -34.19 -11.94
CA PRO B 428 0.95 -33.06 -12.87
C PRO B 428 1.11 -31.68 -12.19
N ILE B 429 2.28 -31.44 -11.64
CA ILE B 429 2.67 -30.16 -10.97
C ILE B 429 3.19 -29.16 -12.03
N TYR B 430 3.71 -28.05 -11.56
CA TYR B 430 4.09 -26.85 -12.34
C TYR B 430 4.48 -27.20 -13.79
N GLY B 431 5.55 -27.96 -13.95
CA GLY B 431 6.19 -28.22 -15.26
C GLY B 431 5.21 -28.81 -16.24
N PHE B 432 4.40 -29.75 -15.75
CA PHE B 432 3.32 -30.38 -16.53
C PHE B 432 2.25 -29.36 -16.91
N GLN B 433 1.83 -28.52 -15.96
CA GLN B 433 0.77 -27.52 -16.25
C GLN B 433 1.34 -26.46 -17.23
N TRP B 434 2.62 -26.09 -17.12
CA TRP B 434 3.24 -25.05 -18.00
C TRP B 434 3.34 -25.52 -19.46
N ARG B 435 3.56 -26.82 -19.71
CA ARG B 435 3.87 -27.35 -21.06
C ARG B 435 2.73 -28.24 -21.59
N HIS B 436 1.79 -28.71 -20.74
CA HIS B 436 0.86 -29.81 -21.11
C HIS B 436 -0.50 -29.71 -20.41
N PHE B 437 -0.95 -28.50 -20.03
CA PHE B 437 -2.18 -28.26 -19.25
C PHE B 437 -3.34 -28.91 -20.01
N GLY B 438 -4.02 -29.84 -19.36
CA GLY B 438 -5.23 -30.46 -19.92
C GLY B 438 -4.95 -31.87 -20.37
N ALA B 439 -3.70 -32.27 -20.55
CA ALA B 439 -3.34 -33.64 -20.96
C ALA B 439 -3.59 -34.55 -19.77
N GLU B 440 -3.94 -35.81 -20.04
CA GLU B 440 -4.08 -36.87 -19.02
C GLU B 440 -2.70 -37.22 -18.51
N TYR B 441 -2.45 -37.07 -17.22
CA TYR B 441 -1.17 -37.50 -16.61
C TYR B 441 -1.19 -39.03 -16.44
N THR B 442 -0.08 -39.66 -16.82
CA THR B 442 0.09 -41.13 -16.70
C THR B 442 1.14 -41.38 -15.62
N ASN B 443 2.42 -41.26 -15.97
CA ASN B 443 3.55 -41.34 -15.03
C ASN B 443 4.61 -40.33 -15.48
N MET B 444 5.65 -40.16 -14.67
CA MET B 444 6.67 -39.10 -14.86
C MET B 444 7.62 -39.44 -16.03
N TYR B 445 7.51 -40.64 -16.60
CA TYR B 445 8.39 -41.17 -17.70
C TYR B 445 7.67 -41.11 -19.04
N ASP B 446 6.38 -40.80 -19.09
CA ASP B 446 5.63 -40.90 -20.36
C ASP B 446 6.13 -39.77 -21.31
N ASN B 447 5.87 -39.93 -22.61
CA ASN B 447 6.17 -38.92 -23.64
C ASN B 447 4.87 -38.10 -23.83
N TYR B 448 4.87 -36.84 -23.43
CA TYR B 448 3.68 -35.96 -23.51
C TYR B 448 3.83 -34.96 -24.68
N GLU B 449 4.71 -35.21 -25.65
CA GLU B 449 5.01 -34.24 -26.75
C GLU B 449 3.71 -33.95 -27.50
N ASN B 450 3.39 -32.66 -27.64
CA ASN B 450 2.20 -32.14 -28.36
C ASN B 450 0.93 -32.48 -27.59
N LYS B 451 1.01 -32.77 -26.28
CA LYS B 451 -0.20 -33.07 -25.47
C LYS B 451 -0.48 -31.90 -24.52
N GLY B 452 -1.74 -31.48 -24.49
CA GLY B 452 -2.26 -30.37 -23.68
C GLY B 452 -1.77 -29.03 -24.18
N VAL B 453 -2.04 -27.99 -23.41
CA VAL B 453 -1.73 -26.58 -23.80
C VAL B 453 -0.32 -26.26 -23.32
N ASP B 454 0.56 -25.90 -24.26
CA ASP B 454 1.90 -25.36 -23.98
C ASP B 454 1.73 -23.86 -23.63
N GLN B 455 1.29 -23.60 -22.40
CA GLN B 455 1.04 -22.22 -21.90
C GLN B 455 2.33 -21.41 -22.02
N LEU B 456 3.46 -22.03 -21.76
CA LEU B 456 4.74 -21.30 -21.68
C LEU B 456 5.10 -20.76 -23.07
N LYS B 457 5.12 -21.60 -24.09
CA LYS B 457 5.32 -21.19 -25.50
C LYS B 457 4.24 -20.14 -25.84
N ASN B 458 2.98 -20.33 -25.41
CA ASN B 458 1.89 -19.38 -25.75
C ASN B 458 2.13 -17.97 -25.15
N ILE B 459 2.59 -17.88 -23.87
CA ILE B 459 2.75 -16.55 -23.21
C ILE B 459 3.93 -15.84 -23.87
N ILE B 460 4.96 -16.57 -24.27
CA ILE B 460 6.14 -16.01 -24.99
C ILE B 460 5.70 -15.46 -26.36
N ASN B 461 4.88 -16.20 -27.12
CA ASN B 461 4.35 -15.70 -28.40
C ASN B 461 3.44 -14.49 -28.19
N LEU B 462 2.62 -14.47 -27.15
CA LEU B 462 1.74 -13.30 -26.88
C LEU B 462 2.61 -12.08 -26.61
N ILE B 463 3.65 -12.25 -25.80
CA ILE B 463 4.57 -11.15 -25.44
C ILE B 463 5.25 -10.60 -26.71
N LYS B 464 5.76 -11.47 -27.58
CA LYS B 464 6.46 -11.04 -28.83
C LYS B 464 5.46 -10.44 -29.83
N ASN B 465 4.25 -10.99 -29.98
CA ASN B 465 3.35 -10.65 -31.11
C ASN B 465 2.12 -9.86 -30.66
N ASP B 466 1.76 -9.86 -29.38
CA ASP B 466 0.60 -9.07 -28.90
C ASP B 466 0.90 -8.53 -27.50
N PRO B 467 1.93 -7.70 -27.34
CA PRO B 467 2.40 -7.31 -26.00
C PRO B 467 1.39 -6.56 -25.13
N THR B 468 0.37 -5.91 -25.69
CA THR B 468 -0.64 -5.16 -24.91
C THR B 468 -1.81 -6.09 -24.56
N SER B 469 -1.71 -7.40 -24.86
CA SER B 469 -2.71 -8.37 -24.39
C SER B 469 -2.78 -8.33 -22.85
N ARG B 470 -3.99 -8.34 -22.31
CA ARG B 470 -4.25 -8.48 -20.86
C ARG B 470 -4.53 -9.96 -20.51
N ARG B 471 -4.10 -10.88 -21.39
CA ARG B 471 -4.35 -12.34 -21.27
C ARG B 471 -3.03 -13.08 -21.14
N ILE B 472 -1.93 -12.41 -20.81
CA ILE B 472 -0.62 -13.10 -20.81
C ILE B 472 -0.43 -13.73 -19.43
N LEU B 473 -1.09 -14.86 -19.19
CA LEU B 473 -1.07 -15.56 -17.88
C LEU B 473 -0.53 -16.95 -18.06
N LEU B 474 0.28 -17.34 -17.11
CA LEU B 474 0.80 -18.71 -16.95
C LEU B 474 0.19 -19.22 -15.64
N CYS B 475 -0.62 -20.28 -15.69
CA CYS B 475 -1.41 -20.81 -14.54
C CYS B 475 -1.02 -22.27 -14.27
N ALA B 476 -0.64 -22.55 -13.02
CA ALA B 476 -0.26 -23.88 -12.47
C ALA B 476 -1.44 -24.49 -11.74
N TRP B 477 -2.43 -23.69 -11.36
CA TRP B 477 -3.64 -24.16 -10.61
C TRP B 477 -4.63 -24.83 -11.55
N ASN B 478 -4.36 -26.09 -11.86
CA ASN B 478 -5.29 -26.92 -12.67
C ASN B 478 -6.24 -27.63 -11.71
N VAL B 479 -7.46 -27.12 -11.58
CA VAL B 479 -8.48 -27.59 -10.59
C VAL B 479 -8.72 -29.09 -10.80
N LYS B 480 -8.78 -29.52 -12.06
CA LYS B 480 -8.99 -30.93 -12.42
C LYS B 480 -7.91 -31.85 -11.84
N ASP B 481 -6.65 -31.40 -11.81
CA ASP B 481 -5.45 -32.22 -11.52
C ASP B 481 -5.01 -32.06 -10.05
N LEU B 482 -5.55 -31.12 -9.28
CA LEU B 482 -4.98 -30.77 -7.95
C LEU B 482 -4.77 -32.05 -7.13
N ASP B 483 -5.74 -32.95 -7.07
CA ASP B 483 -5.70 -34.17 -6.20
C ASP B 483 -4.63 -35.17 -6.68
N GLN B 484 -4.25 -35.13 -7.95
CA GLN B 484 -3.18 -35.97 -8.50
C GLN B 484 -1.78 -35.37 -8.23
N MET B 485 -1.68 -34.10 -7.84
CA MET B 485 -0.35 -33.49 -7.55
C MET B 485 0.14 -33.91 -6.16
N ALA B 486 1.43 -34.11 -5.96
CA ALA B 486 1.99 -34.38 -4.61
C ALA B 486 1.43 -33.31 -3.66
N LEU B 487 1.46 -32.04 -4.09
CA LEU B 487 0.68 -30.97 -3.46
C LEU B 487 0.24 -29.89 -4.46
N PRO B 488 -0.86 -29.20 -4.13
CA PRO B 488 -1.34 -28.11 -4.97
C PRO B 488 -0.32 -26.98 -5.00
N PRO B 489 -0.10 -26.31 -6.15
CA PRO B 489 0.98 -25.32 -6.25
C PRO B 489 0.78 -24.14 -5.30
N CYS B 490 1.84 -23.63 -4.69
CA CYS B 490 1.80 -22.39 -3.86
C CYS B 490 1.73 -21.16 -4.80
N HIS B 491 2.42 -21.22 -5.94
CA HIS B 491 2.56 -20.13 -6.95
C HIS B 491 1.49 -20.31 -8.04
N ILE B 492 0.34 -19.71 -7.84
CA ILE B 492 -0.91 -19.98 -8.61
C ILE B 492 -0.73 -19.52 -10.07
N LEU B 493 -0.23 -18.32 -10.29
CA LEU B 493 -0.14 -17.78 -11.66
C LEU B 493 0.91 -16.68 -11.72
N CYS B 494 1.45 -16.48 -12.92
CA CYS B 494 2.18 -15.27 -13.36
C CYS B 494 1.34 -14.54 -14.40
N GLN B 495 1.18 -13.23 -14.23
CA GLN B 495 0.68 -12.37 -15.32
C GLN B 495 1.86 -11.49 -15.76
N PHE B 496 1.92 -11.18 -17.06
CA PHE B 496 2.95 -10.32 -17.66
C PHE B 496 2.30 -9.06 -18.22
N TYR B 497 3.10 -8.00 -18.23
CA TYR B 497 2.71 -6.64 -18.69
C TYR B 497 3.89 -6.13 -19.51
N VAL B 498 3.59 -5.61 -20.70
CA VAL B 498 4.62 -5.01 -21.60
C VAL B 498 4.27 -3.53 -21.85
N PHE B 499 5.19 -2.65 -21.51
CA PHE B 499 5.17 -1.22 -21.90
C PHE B 499 6.59 -0.78 -22.27
N ASP B 500 6.68 -0.06 -23.39
CA ASP B 500 7.90 0.63 -23.90
C ASP B 500 9.11 -0.33 -23.88
N GLY B 501 9.02 -1.51 -24.48
CA GLY B 501 10.14 -2.46 -24.46
C GLY B 501 10.47 -2.99 -23.07
N LYS B 502 9.56 -2.86 -22.08
CA LYS B 502 9.83 -3.32 -20.69
C LYS B 502 8.79 -4.36 -20.26
N LEU B 503 9.23 -5.40 -19.54
CA LEU B 503 8.43 -6.56 -19.10
C LEU B 503 8.29 -6.56 -17.57
N SER B 504 7.06 -6.46 -17.07
CA SER B 504 6.78 -6.64 -15.63
C SER B 504 5.97 -7.94 -15.44
N CYS B 505 6.03 -8.50 -14.23
CA CYS B 505 5.44 -9.80 -13.89
C CYS B 505 4.80 -9.72 -12.51
N ILE B 506 3.55 -10.12 -12.43
CA ILE B 506 2.85 -10.36 -11.14
C ILE B 506 2.84 -11.85 -10.92
N MET B 507 3.23 -12.28 -9.72
CA MET B 507 3.00 -13.68 -9.28
C MET B 507 2.09 -13.64 -8.05
N TYR B 508 1.01 -14.42 -8.10
CA TYR B 508 0.03 -14.59 -7.00
C TYR B 508 0.38 -15.87 -6.26
N GLN B 509 0.70 -15.73 -4.97
CA GLN B 509 1.06 -16.88 -4.10
C GLN B 509 -0.04 -17.08 -3.05
N ARG B 510 -0.71 -18.23 -3.06
CA ARG B 510 -1.85 -18.52 -2.15
C ARG B 510 -1.34 -18.70 -0.71
N SER B 511 -0.09 -19.14 -0.56
CA SER B 511 0.44 -19.60 0.72
C SER B 511 1.90 -19.22 0.79
N CYS B 512 2.24 -18.39 1.78
CA CYS B 512 3.52 -17.67 1.88
C CYS B 512 4.14 -17.91 3.24
N ASP B 513 5.20 -18.71 3.28
CA ASP B 513 6.06 -18.95 4.46
C ASP B 513 7.11 -17.85 4.47
N LEU B 514 6.83 -16.80 5.23
CA LEU B 514 7.60 -15.53 5.14
C LEU B 514 9.05 -15.81 5.53
N GLY B 515 9.28 -16.69 6.53
CA GLY B 515 10.62 -16.94 7.11
C GLY B 515 11.55 -17.71 6.19
N LEU B 516 11.06 -18.74 5.53
CA LEU B 516 11.88 -19.73 4.78
C LEU B 516 11.58 -19.69 3.28
N GLY B 517 10.30 -19.70 2.90
CA GLY B 517 9.83 -19.80 1.49
C GLY B 517 10.01 -18.49 0.71
N VAL B 518 9.37 -17.42 1.17
CA VAL B 518 9.20 -16.14 0.43
C VAL B 518 10.55 -15.61 -0.08
N PRO B 519 11.66 -15.62 0.70
CA PRO B 519 12.95 -15.16 0.16
C PRO B 519 13.39 -15.88 -1.13
N PHE B 520 13.32 -17.21 -1.16
CA PHE B 520 13.59 -18.04 -2.35
C PHE B 520 12.56 -17.70 -3.43
N ASN B 521 11.29 -17.50 -3.07
CA ASN B 521 10.19 -17.28 -4.03
C ASN B 521 10.43 -15.96 -4.79
N ILE B 522 10.82 -14.91 -4.09
CA ILE B 522 11.15 -13.60 -4.74
C ILE B 522 12.28 -13.83 -5.75
N ALA B 523 13.31 -14.59 -5.36
CA ALA B 523 14.47 -14.86 -6.25
C ALA B 523 14.05 -15.70 -7.48
N SER B 524 13.33 -16.81 -7.31
CA SER B 524 12.81 -17.63 -8.44
C SER B 524 12.19 -16.76 -9.53
N TYR B 525 11.11 -16.05 -9.16
CA TYR B 525 10.22 -15.34 -10.10
C TYR B 525 10.92 -14.07 -10.59
N SER B 526 11.87 -13.53 -9.83
CA SER B 526 12.76 -12.44 -10.31
C SER B 526 13.64 -12.99 -11.43
N ILE B 527 14.27 -14.15 -11.22
CA ILE B 527 15.08 -14.84 -12.28
C ILE B 527 14.17 -15.15 -13.48
N PHE B 528 12.98 -15.68 -13.24
CA PHE B 528 12.06 -16.07 -14.33
C PHE B 528 11.74 -14.84 -15.20
N THR B 529 11.45 -13.70 -14.56
CA THR B 529 11.14 -12.43 -15.27
C THR B 529 12.31 -12.04 -16.19
N HIS B 530 13.56 -12.12 -15.73
CA HIS B 530 14.77 -11.87 -16.56
C HIS B 530 14.81 -12.83 -17.76
N MET B 531 14.59 -14.13 -17.53
CA MET B 531 14.67 -15.14 -18.61
C MET B 531 13.63 -14.83 -19.69
N ILE B 532 12.37 -14.64 -19.30
CA ILE B 532 11.28 -14.37 -20.28
C ILE B 532 11.64 -13.06 -21.02
N ALA B 533 12.07 -12.03 -20.27
CA ALA B 533 12.38 -10.69 -20.81
C ALA B 533 13.46 -10.87 -21.89
N GLN B 534 14.54 -11.54 -21.53
CA GLN B 534 15.65 -11.71 -22.50
C GLN B 534 15.21 -12.49 -23.74
N VAL B 535 14.36 -13.53 -23.63
CA VAL B 535 14.00 -14.34 -24.83
C VAL B 535 12.96 -13.58 -25.65
N CYS B 536 12.36 -12.50 -25.13
CA CYS B 536 11.41 -11.68 -25.93
C CYS B 536 12.06 -10.35 -26.36
N ASN B 537 13.37 -10.21 -26.15
CA ASN B 537 14.19 -9.01 -26.50
C ASN B 537 13.65 -7.77 -25.79
N LEU B 538 13.32 -7.91 -24.51
CA LEU B 538 12.71 -6.83 -23.67
C LEU B 538 13.64 -6.60 -22.49
N GLN B 539 13.50 -5.47 -21.80
CA GLN B 539 14.24 -5.20 -20.54
C GLN B 539 13.35 -5.57 -19.36
N PRO B 540 13.87 -6.20 -18.30
CA PRO B 540 13.03 -6.47 -17.13
C PRO B 540 12.69 -5.14 -16.46
N ALA B 541 11.46 -4.99 -15.99
CA ALA B 541 11.01 -3.81 -15.22
C ALA B 541 10.68 -4.26 -13.79
N GLN B 542 9.42 -4.53 -13.46
CA GLN B 542 9.06 -4.89 -12.06
C GLN B 542 8.69 -6.35 -11.91
N PHE B 543 9.10 -6.93 -10.78
CA PHE B 543 8.53 -8.18 -10.21
C PHE B 543 7.65 -7.77 -9.04
N ILE B 544 6.39 -8.15 -9.15
CA ILE B 544 5.29 -7.77 -8.24
C ILE B 544 4.77 -9.07 -7.64
N HIS B 545 4.93 -9.19 -6.32
CA HIS B 545 4.63 -10.40 -5.55
C HIS B 545 3.38 -10.14 -4.73
N VAL B 546 2.32 -10.86 -5.03
CA VAL B 546 1.05 -10.77 -4.27
C VAL B 546 0.97 -11.98 -3.32
N LEU B 547 0.82 -11.70 -2.02
CA LEU B 547 0.78 -12.70 -0.92
C LEU B 547 -0.67 -12.86 -0.53
N GLY B 548 -1.22 -14.08 -0.63
CA GLY B 548 -2.55 -14.41 -0.11
C GLY B 548 -2.44 -14.73 1.36
N ASN B 549 -2.35 -16.01 1.71
CA ASN B 549 -2.21 -16.42 3.12
C ASN B 549 -0.75 -16.25 3.51
N ALA B 550 -0.46 -15.24 4.30
CA ALA B 550 0.93 -14.80 4.62
C ALA B 550 1.19 -15.13 6.10
N HIS B 551 2.10 -16.04 6.37
CA HIS B 551 2.27 -16.56 7.75
C HIS B 551 3.74 -16.59 8.13
N VAL B 552 3.97 -16.39 9.42
CA VAL B 552 5.27 -16.62 10.10
C VAL B 552 5.06 -17.83 11.02
N TYR B 553 5.86 -18.88 10.88
CA TYR B 553 5.90 -20.05 11.80
C TYR B 553 6.36 -19.54 13.17
N ASN B 554 5.62 -19.89 14.23
CA ASN B 554 6.01 -19.55 15.62
C ASN B 554 7.48 -19.91 15.87
N ASN B 555 8.02 -20.95 15.25
CA ASN B 555 9.44 -21.34 15.44
C ASN B 555 10.41 -20.56 14.54
N HIS B 556 9.95 -19.60 13.73
CA HIS B 556 10.87 -18.70 13.01
C HIS B 556 11.02 -17.36 13.76
N ILE B 557 10.30 -17.14 14.86
CA ILE B 557 10.08 -15.75 15.39
C ILE B 557 11.39 -15.21 15.97
N ASP B 558 12.16 -16.03 16.67
CA ASP B 558 13.46 -15.60 17.26
C ASP B 558 14.43 -15.26 16.13
N SER B 559 14.60 -16.15 15.15
CA SER B 559 15.48 -15.95 13.98
C SER B 559 15.06 -14.66 13.22
N LEU B 560 13.76 -14.41 13.10
CA LEU B 560 13.25 -13.20 12.37
C LEU B 560 13.47 -11.94 13.24
N LYS B 561 13.42 -12.04 14.59
CA LYS B 561 13.82 -10.92 15.51
C LYS B 561 15.26 -10.56 15.18
N ILE B 562 16.17 -11.54 15.14
CA ILE B 562 17.60 -11.28 14.75
C ILE B 562 17.64 -10.58 13.38
N GLN B 563 16.85 -11.04 12.41
CA GLN B 563 16.99 -10.59 11.00
C GLN B 563 16.53 -9.14 10.85
N LEU B 564 15.46 -8.77 11.58
CA LEU B 564 14.80 -7.44 11.49
C LEU B 564 15.74 -6.32 12.01
N ASN B 565 16.77 -6.69 12.78
CA ASN B 565 17.70 -5.78 13.49
C ASN B 565 19.02 -5.71 12.70
N ARG B 566 19.07 -6.30 11.51
CA ARG B 566 20.20 -6.18 10.58
C ARG B 566 19.84 -5.15 9.49
N ILE B 567 20.80 -4.31 9.14
CA ILE B 567 20.62 -3.28 8.09
C ILE B 567 21.01 -3.92 6.76
N PRO B 568 20.10 -3.87 5.77
CA PRO B 568 20.39 -4.43 4.47
C PRO B 568 21.63 -3.78 3.85
N TYR B 569 22.21 -4.48 2.89
CA TYR B 569 23.30 -4.01 2.02
C TYR B 569 22.67 -3.72 0.68
N PRO B 570 23.34 -2.93 -0.19
CA PRO B 570 22.85 -2.74 -1.55
C PRO B 570 22.80 -4.13 -2.18
N PHE B 571 21.77 -4.34 -2.99
CA PHE B 571 21.44 -5.62 -3.62
C PHE B 571 22.49 -5.99 -4.68
N PRO B 572 22.62 -7.30 -4.99
CA PRO B 572 23.47 -7.74 -6.09
C PRO B 572 22.79 -7.49 -7.44
N THR B 573 23.42 -7.96 -8.51
CA THR B 573 22.88 -7.89 -9.88
C THR B 573 22.88 -9.33 -10.40
N LEU B 574 21.94 -9.63 -11.30
CA LEU B 574 21.89 -10.92 -12.04
C LEU B 574 22.39 -10.64 -13.45
N LYS B 575 23.36 -11.42 -13.92
CA LYS B 575 23.75 -11.48 -15.35
C LYS B 575 23.34 -12.82 -15.96
N LEU B 576 22.59 -12.78 -17.06
CA LEU B 576 22.35 -13.95 -17.95
C LEU B 576 23.36 -13.91 -19.11
N ASN B 577 23.85 -15.08 -19.52
CA ASN B 577 24.55 -15.27 -20.82
C ASN B 577 23.64 -14.65 -21.88
N PRO B 578 24.10 -13.61 -22.60
CA PRO B 578 23.25 -12.87 -23.53
C PRO B 578 22.90 -13.61 -24.82
N ASP B 579 23.58 -14.72 -25.09
CA ASP B 579 23.45 -15.62 -26.28
C ASP B 579 22.09 -16.33 -26.30
N ILE B 580 21.46 -16.57 -25.15
CA ILE B 580 20.24 -17.40 -24.98
C ILE B 580 19.00 -16.60 -25.41
N LYS B 581 18.38 -16.97 -26.53
CA LYS B 581 17.17 -16.27 -27.04
C LYS B 581 15.98 -17.24 -27.12
N ASN B 582 16.06 -18.43 -26.51
CA ASN B 582 14.94 -19.39 -26.45
C ASN B 582 14.77 -19.87 -25.00
N ILE B 583 13.56 -19.86 -24.46
CA ILE B 583 13.31 -20.15 -23.01
C ILE B 583 13.86 -21.56 -22.62
N GLU B 584 13.96 -22.50 -23.57
CA GLU B 584 14.38 -23.91 -23.34
C GLU B 584 15.91 -24.07 -23.39
N ASP B 585 16.71 -23.03 -23.66
CA ASP B 585 18.17 -23.18 -23.93
C ASP B 585 19.00 -22.76 -22.72
N PHE B 586 18.40 -22.36 -21.59
CA PHE B 586 19.20 -21.96 -20.40
C PHE B 586 19.73 -23.23 -19.72
N THR B 587 20.96 -23.15 -19.24
CA THR B 587 21.63 -24.14 -18.40
C THR B 587 22.14 -23.42 -17.15
N ILE B 588 22.59 -24.19 -16.16
CA ILE B 588 22.92 -23.64 -14.83
C ILE B 588 24.00 -22.56 -15.00
N SER B 589 24.90 -22.72 -15.97
CA SER B 589 26.11 -21.87 -16.15
C SER B 589 25.74 -20.52 -16.79
N ASP B 590 24.52 -20.38 -17.31
CA ASP B 590 24.04 -19.15 -17.98
C ASP B 590 23.67 -18.05 -16.97
N PHE B 591 23.78 -18.33 -15.67
CA PHE B 591 23.29 -17.47 -14.57
C PHE B 591 24.44 -17.04 -13.66
N THR B 592 24.63 -15.74 -13.45
CA THR B 592 25.68 -15.29 -12.50
C THR B 592 25.12 -14.19 -11.61
N ILE B 593 25.25 -14.39 -10.32
CA ILE B 593 24.97 -13.37 -9.27
C ILE B 593 26.28 -12.63 -9.01
N GLN B 594 26.23 -11.30 -9.12
CA GLN B 594 27.40 -10.41 -8.95
C GLN B 594 27.19 -9.52 -7.72
N ASN B 595 28.28 -9.33 -6.96
CA ASN B 595 28.35 -8.29 -5.91
C ASN B 595 27.29 -8.58 -4.84
N TYR B 596 27.05 -9.85 -4.54
CA TYR B 596 26.19 -10.29 -3.43
C TYR B 596 26.93 -10.07 -2.10
N VAL B 597 26.51 -9.03 -1.36
CA VAL B 597 27.02 -8.67 -0.01
C VAL B 597 25.89 -8.98 0.98
N HIS B 598 26.15 -9.80 1.98
CA HIS B 598 25.08 -10.37 2.85
C HIS B 598 25.59 -10.51 4.27
N HIS B 599 24.68 -10.44 5.22
CA HIS B 599 24.95 -10.84 6.63
C HIS B 599 25.02 -12.37 6.73
N GLU B 600 25.33 -12.87 7.90
CA GLU B 600 25.55 -14.31 8.20
C GLU B 600 24.28 -15.11 7.87
N LYS B 601 24.44 -16.34 7.40
CA LYS B 601 23.37 -17.36 7.34
C LYS B 601 22.62 -17.35 8.69
N ILE B 602 21.30 -17.44 8.67
CA ILE B 602 20.48 -17.68 9.88
C ILE B 602 19.77 -19.04 9.70
N SER B 603 19.89 -19.91 10.71
CA SER B 603 19.09 -21.15 10.80
C SER B 603 17.69 -20.78 11.34
N MET B 604 16.66 -20.81 10.49
CA MET B 604 15.36 -20.13 10.79
C MET B 604 14.70 -20.80 12.00
N ASP B 605 14.87 -22.11 12.12
CA ASP B 605 14.43 -22.91 13.30
C ASP B 605 15.65 -23.11 14.21
#